data_3B34
#
_entry.id   3B34
#
_cell.length_a   120.582
_cell.length_b   120.582
_cell.length_c   170.761
_cell.angle_alpha   90.000
_cell.angle_beta   90.000
_cell.angle_gamma   120.000
#
_symmetry.space_group_name_H-M   'P 31 2 1'
#
loop_
_entity.id
_entity.type
_entity.pdbx_description
1 polymer 'Aminopeptidase N'
2 non-polymer 'ZINC ION'
3 non-polymer 'SODIUM ION'
4 non-polymer PHENYLALANINE
5 non-polymer 'MALONATE ION'
6 non-polymer GLYCEROL
7 water water
#
_entity_poly.entity_id   1
_entity_poly.type   'polypeptide(L)'
_entity_poly.pdbx_seq_one_letter_code
;MGSSHHHHHHSSGENLYFQGHMTQQPQAKYRHDYRAPDYQITDIDLTFDLDAQKTVVTAVSQAVRHGASDAPLRLNGEDL
KLVSVHINDEPWTAWKEEEGALVISNLPERFTLKIINEISPAANTALEGLYQSGDALCTQCEAEGFRHITYYLDRPDVLA
RFTTKIIADKIKYPFLLSNGNRVAQGELENGRHWVQWQDPFPKPCYLFALVAGDFDVLRDTFTTRSGREVALELYVDRGN
LDRAPWAMTSLKNSMKWDEERFGLEYDLDIYMIVAVDFFNMGAMENKGLNIFNSKYVLARTDTATDKDYLDIERVIGHEY
FHNWTGNRVTCRDWFQLSLKEGLTVFRDQEFSSDLGSRAVNRINNVRTMRGLQFAEDASPMAHPIRPDMVIEMNNFYTLT
VYEKGAEVIRMIHTLLGEENFQKGMQLYFERHDGSAATCDDFVQAMEDASNVDLSHFRRWYSQSGTPIVTVKDDYNPETE
QYTLTISQRTPATPDQAEKQPLHIPFAIELYDNEGKVIPLQKGGHPVNSVLNVTQAEQTFVFDNVYFQPVPALLCEFSAP
VKLEYKWSDQQLTFLMRHARNDFSRWDAAQSLLATYIKLNVARHQQGQPLSLPVHVADAFRAVLLDEKIDPALAAEILTL
PSVNEMAELFDIIDPIAIAEVREALTRTLATELADELLAIYNANYQSEYRVEHEDIAKRTLRNACLRFLAFGETHLADVL
VSKQFHEANNMTDALAALSAAVAAQLPCRDALMQEYDDKWHQNGLVMDKWFILQATSPAANVLETVRGLLQHRSFTMSNP
NRIRSLIGAFAGSNPAAFHAEDGSGYLFLVEMLTDLNSRNPQVASRLIEPLIRLKRYDAKRQEKMRAALEQLKGLENLSG
DLYEKITKALA
;
_entity_poly.pdbx_strand_id   A
#
loop_
_chem_comp.id
_chem_comp.type
_chem_comp.name
_chem_comp.formula
GOL non-polymer GLYCEROL 'C3 H8 O3'
MLI non-polymer 'MALONATE ION' 'C3 H2 O4 -2'
NA non-polymer 'SODIUM ION' 'Na 1'
ZN non-polymer 'ZINC ION' 'Zn 2'
#
# COMPACT_ATOMS: atom_id res chain seq x y z
N PRO A 26 23.91 -1.34 13.72
CA PRO A 26 22.89 -0.37 13.35
C PRO A 26 22.17 0.19 14.58
N GLN A 27 22.24 1.52 14.75
CA GLN A 27 21.66 2.19 15.91
C GLN A 27 20.22 2.63 15.67
N ALA A 28 19.36 2.42 16.65
CA ALA A 28 17.98 2.88 16.58
C ALA A 28 17.90 4.40 16.78
N LYS A 29 16.98 5.02 16.08
CA LYS A 29 16.68 6.44 16.28
C LYS A 29 15.29 6.57 16.89
N TYR A 30 15.09 7.59 17.71
CA TYR A 30 13.88 7.73 18.51
C TYR A 30 13.17 9.04 18.24
N ARG A 31 11.84 8.96 18.12
CA ARG A 31 11.02 10.13 17.86
C ARG A 31 11.22 11.24 18.90
N HIS A 32 11.36 10.86 20.17
CA HIS A 32 11.53 11.83 21.25
C HIS A 32 12.86 12.58 21.21
N ASP A 33 13.80 12.12 20.38
CA ASP A 33 15.09 12.79 20.23
C ASP A 33 15.09 13.91 19.18
N TYR A 34 13.95 14.16 18.53
CA TYR A 34 13.88 15.19 17.49
C TYR A 34 14.39 16.51 18.04
N ARG A 35 15.30 17.16 17.30
CA ARG A 35 15.71 18.53 17.60
C ARG A 35 15.87 19.30 16.29
N ALA A 36 15.46 20.56 16.30
CA ALA A 36 15.65 21.46 15.15
C ALA A 36 17.11 21.44 14.66
N PRO A 37 17.31 21.57 13.34
CA PRO A 37 18.69 21.48 12.83
C PRO A 37 19.56 22.68 13.21
N ASP A 38 20.84 22.42 13.48
CA ASP A 38 21.80 23.49 13.76
C ASP A 38 22.03 24.42 12.56
N TYR A 39 21.83 23.90 11.36
CA TYR A 39 22.02 24.64 10.11
C TYR A 39 20.85 24.38 9.18
N GLN A 40 20.48 25.40 8.44
CA GLN A 40 19.55 25.30 7.34
C GLN A 40 20.27 25.53 6.02
N ILE A 41 19.75 24.93 4.96
CA ILE A 41 20.14 25.25 3.59
C ILE A 41 18.92 25.85 2.93
N THR A 42 19.08 27.01 2.30
CA THR A 42 17.97 27.74 1.70
C THR A 42 17.86 27.53 0.19
N ASP A 43 19.00 27.29 -0.45
CA ASP A 43 19.11 27.19 -1.91
C ASP A 43 20.23 26.22 -2.22
N ILE A 44 20.01 25.38 -3.24
CA ILE A 44 21.05 24.48 -3.71
C ILE A 44 21.05 24.46 -5.23
N ASP A 45 22.25 24.60 -5.79
N ASP A 45 22.24 24.63 -5.80
CA ASP A 45 22.49 24.53 -7.22
CA ASP A 45 22.43 24.51 -7.25
C ASP A 45 23.30 23.26 -7.49
C ASP A 45 23.29 23.28 -7.50
N LEU A 46 22.70 22.32 -8.21
CA LEU A 46 23.33 21.05 -8.51
C LEU A 46 23.77 20.99 -9.95
N THR A 47 24.92 20.39 -10.17
CA THR A 47 25.35 20.06 -11.52
C THR A 47 25.72 18.58 -11.55
N PHE A 48 25.18 17.86 -12.54
CA PHE A 48 25.51 16.46 -12.76
C PHE A 48 26.23 16.31 -14.08
N ASP A 49 27.47 15.84 -14.03
CA ASP A 49 28.15 15.38 -15.23
C ASP A 49 27.88 13.87 -15.29
N LEU A 50 26.85 13.51 -16.05
N LEU A 50 26.90 13.50 -16.10
CA LEU A 50 26.31 12.16 -16.01
CA LEU A 50 26.26 12.20 -15.99
C LEU A 50 27.13 11.17 -16.80
C LEU A 50 26.87 11.10 -16.87
N ASP A 51 27.23 9.97 -16.24
CA ASP A 51 27.78 8.80 -16.91
C ASP A 51 27.45 7.59 -16.03
N ALA A 52 27.08 6.48 -16.66
CA ALA A 52 26.66 5.30 -15.91
C ALA A 52 27.78 4.77 -15.01
N GLN A 53 29.03 4.83 -15.46
CA GLN A 53 30.15 4.35 -14.67
C GLN A 53 30.64 5.33 -13.60
N LYS A 54 30.69 6.62 -13.95
CA LYS A 54 31.20 7.63 -13.03
C LYS A 54 30.48 8.95 -13.28
N THR A 55 29.63 9.33 -12.34
CA THR A 55 28.92 10.60 -12.40
C THR A 55 29.57 11.55 -11.40
N VAL A 56 29.85 12.77 -11.85
CA VAL A 56 30.44 13.79 -11.00
C VAL A 56 29.35 14.78 -10.62
N VAL A 57 29.18 14.96 -9.31
N VAL A 57 29.18 14.98 -9.31
CA VAL A 57 28.18 15.87 -8.76
CA VAL A 57 28.16 15.88 -8.80
C VAL A 57 28.88 17.10 -8.16
C VAL A 57 28.79 17.07 -8.10
N THR A 58 28.39 18.27 -8.53
CA THR A 58 28.83 19.52 -7.92
C THR A 58 27.59 20.14 -7.26
N ALA A 59 27.69 20.46 -5.98
CA ALA A 59 26.55 20.95 -5.22
C ALA A 59 26.97 22.22 -4.52
N VAL A 60 26.29 23.31 -4.85
CA VAL A 60 26.57 24.62 -4.26
C VAL A 60 25.35 25.02 -3.43
N SER A 61 25.53 25.02 -2.11
CA SER A 61 24.45 25.28 -1.16
C SER A 61 24.63 26.58 -0.41
N GLN A 62 23.55 27.33 -0.23
CA GLN A 62 23.58 28.52 0.61
C GLN A 62 23.07 28.12 1.99
N ALA A 63 23.93 28.25 3.00
CA ALA A 63 23.63 27.78 4.34
C ALA A 63 23.57 28.90 5.37
N VAL A 64 22.79 28.65 6.42
CA VAL A 64 22.57 29.61 7.51
C VAL A 64 22.62 28.82 8.84
N ARG A 65 23.42 29.30 9.78
CA ARG A 65 23.49 28.68 11.09
C ARG A 65 22.38 29.19 11.99
N HIS A 66 21.64 28.26 12.58
CA HIS A 66 20.59 28.58 13.56
C HIS A 66 21.01 28.18 14.97
N GLY A 67 21.91 27.20 15.08
CA GLY A 67 22.35 26.67 16.36
C GLY A 67 23.49 27.45 16.98
N ALA A 68 24.20 26.81 17.91
CA ALA A 68 25.31 27.42 18.62
C ALA A 68 26.44 27.77 17.67
N SER A 69 27.11 28.89 17.96
N SER A 69 27.12 28.88 17.96
CA SER A 69 28.19 29.38 17.12
CA SER A 69 28.19 29.38 17.12
C SER A 69 29.30 28.34 16.91
C SER A 69 29.33 28.37 16.93
N ASP A 70 29.53 27.51 17.92
CA ASP A 70 30.58 26.47 17.86
C ASP A 70 30.11 25.10 17.33
N ALA A 71 28.87 25.02 16.85
CA ALA A 71 28.34 23.75 16.34
C ALA A 71 28.86 23.46 14.93
N PRO A 72 29.32 22.22 14.67
CA PRO A 72 29.76 21.90 13.31
C PRO A 72 28.57 21.59 12.43
N LEU A 73 28.76 21.73 11.12
CA LEU A 73 27.78 21.29 10.14
C LEU A 73 27.99 19.80 9.89
N ARG A 74 26.97 18.98 10.16
CA ARG A 74 27.05 17.54 9.99
C ARG A 74 26.22 17.14 8.78
N LEU A 75 26.90 16.73 7.72
CA LEU A 75 26.24 16.36 6.46
C LEU A 75 26.18 14.86 6.32
N ASN A 76 25.03 14.35 5.89
CA ASN A 76 24.88 12.92 5.62
C ASN A 76 25.44 12.57 4.25
N GLY A 77 26.11 11.42 4.16
CA GLY A 77 26.60 10.92 2.88
C GLY A 77 26.88 9.43 2.95
N GLU A 78 26.54 8.71 1.89
CA GLU A 78 26.76 7.27 1.83
C GLU A 78 27.34 6.90 0.48
N ASP A 79 28.46 6.18 0.50
CA ASP A 79 29.11 5.65 -0.70
C ASP A 79 29.45 6.78 -1.70
N LEU A 80 30.03 7.85 -1.18
CA LEU A 80 30.44 9.00 -2.00
C LEU A 80 31.95 9.08 -2.06
N LYS A 81 32.48 9.45 -3.21
CA LYS A 81 33.91 9.71 -3.31
C LYS A 81 34.10 11.23 -3.30
N LEU A 82 34.56 11.75 -2.17
N LEU A 82 34.57 11.76 -2.18
CA LEU A 82 34.73 13.20 -2.03
CA LEU A 82 34.71 13.21 -2.00
C LEU A 82 35.87 13.66 -2.93
C LEU A 82 35.90 13.79 -2.77
N VAL A 83 35.63 14.76 -3.64
CA VAL A 83 36.65 15.39 -4.48
C VAL A 83 37.17 16.68 -3.83
N SER A 84 36.26 17.55 -3.41
CA SER A 84 36.65 18.81 -2.77
C SER A 84 35.55 19.44 -1.95
N VAL A 85 35.97 20.29 -1.02
CA VAL A 85 35.08 21.03 -0.13
C VAL A 85 35.56 22.49 -0.12
N HIS A 86 34.68 23.41 -0.50
CA HIS A 86 34.97 24.85 -0.44
C HIS A 86 33.90 25.58 0.36
N ILE A 87 34.30 26.58 1.12
CA ILE A 87 33.38 27.49 1.83
C ILE A 87 33.67 28.91 1.32
N ASN A 88 32.67 29.54 0.71
CA ASN A 88 32.85 30.83 0.03
C ASN A 88 34.05 30.81 -0.93
N ASP A 89 34.16 29.72 -1.70
CA ASP A 89 35.25 29.49 -2.67
C ASP A 89 36.65 29.27 -2.10
N GLU A 90 36.76 29.18 -0.76
CA GLU A 90 38.01 28.84 -0.10
C GLU A 90 38.10 27.32 0.13
N PRO A 91 39.15 26.66 -0.42
CA PRO A 91 39.34 25.23 -0.07
C PRO A 91 39.39 25.08 1.45
N TRP A 92 38.54 24.20 1.99
CA TRP A 92 38.35 24.11 3.43
C TRP A 92 39.23 23.03 4.03
N THR A 93 39.86 23.34 5.16
CA THR A 93 40.74 22.38 5.83
C THR A 93 40.13 21.84 7.13
N ALA A 94 39.11 22.54 7.63
CA ALA A 94 38.50 22.18 8.91
C ALA A 94 37.28 21.26 8.71
N TRP A 95 37.56 20.02 8.32
CA TRP A 95 36.53 19.00 8.09
C TRP A 95 37.09 17.61 8.34
N LYS A 96 36.20 16.66 8.57
CA LYS A 96 36.57 15.25 8.67
C LYS A 96 35.42 14.40 8.17
N GLU A 97 35.76 13.28 7.53
CA GLU A 97 34.78 12.28 7.17
C GLU A 97 34.68 11.26 8.27
N GLU A 98 33.46 10.89 8.63
N GLU A 98 33.44 10.89 8.59
CA GLU A 98 33.23 9.79 9.55
CA GLU A 98 33.07 9.94 9.63
C GLU A 98 32.19 8.87 8.93
C GLU A 98 32.13 8.92 8.97
N GLU A 99 31.85 7.79 9.64
CA GLU A 99 30.86 6.84 9.15
C GLU A 99 29.54 7.56 8.81
N GLY A 100 29.15 7.50 7.54
CA GLY A 100 27.93 8.14 7.04
C GLY A 100 27.88 9.66 7.04
N ALA A 101 29.02 10.33 7.24
CA ALA A 101 28.97 11.78 7.44
C ALA A 101 30.22 12.54 6.99
N LEU A 102 30.01 13.82 6.65
CA LEU A 102 31.06 14.81 6.50
C LEU A 102 30.80 15.90 7.54
N VAL A 103 31.76 16.11 8.44
CA VAL A 103 31.60 17.03 9.56
C VAL A 103 32.50 18.24 9.32
N ILE A 104 31.87 19.41 9.20
CA ILE A 104 32.58 20.63 8.82
C ILE A 104 32.56 21.62 9.98
N SER A 105 33.74 22.00 10.45
CA SER A 105 33.91 22.87 11.61
C SER A 105 34.25 24.34 11.26
N ASN A 106 34.04 25.21 12.25
CA ASN A 106 34.55 26.59 12.25
C ASN A 106 33.97 27.46 11.15
N LEU A 107 32.65 27.35 10.94
CA LEU A 107 31.97 28.05 9.84
C LEU A 107 31.43 29.44 10.23
N PRO A 108 31.30 30.34 9.24
CA PRO A 108 30.60 31.60 9.48
C PRO A 108 29.09 31.36 9.69
N GLU A 109 28.37 32.40 10.07
CA GLU A 109 26.93 32.29 10.29
C GLU A 109 26.16 32.04 8.99
N ARG A 110 26.64 32.60 7.89
CA ARG A 110 26.05 32.43 6.58
C ARG A 110 27.19 32.22 5.58
N PHE A 111 27.03 31.28 4.66
CA PHE A 111 28.11 30.90 3.76
C PHE A 111 27.61 30.07 2.60
N THR A 112 28.43 30.01 1.57
CA THR A 112 28.22 29.14 0.42
C THR A 112 29.10 27.90 0.57
N LEU A 113 28.47 26.74 0.58
CA LEU A 113 29.16 25.47 0.63
C LEU A 113 29.21 24.87 -0.77
N LYS A 114 30.41 24.49 -1.22
CA LYS A 114 30.57 23.77 -2.48
CA LYS A 114 30.54 23.76 -2.48
C LYS A 114 31.22 22.40 -2.23
N ILE A 115 30.50 21.36 -2.65
N ILE A 115 30.52 21.34 -2.62
CA ILE A 115 30.94 19.96 -2.56
CA ILE A 115 31.08 19.99 -2.53
C ILE A 115 31.03 19.41 -3.97
C ILE A 115 31.01 19.30 -3.87
N ILE A 116 32.15 18.76 -4.29
CA ILE A 116 32.24 17.95 -5.49
C ILE A 116 32.49 16.53 -5.05
N ASN A 117 31.72 15.59 -5.58
CA ASN A 117 31.89 14.17 -5.27
C ASN A 117 31.53 13.32 -6.46
N GLU A 118 31.97 12.06 -6.43
CA GLU A 118 31.69 11.11 -7.50
C GLU A 118 30.83 9.96 -6.99
N ILE A 119 29.98 9.45 -7.87
CA ILE A 119 29.12 8.28 -7.59
C ILE A 119 29.10 7.39 -8.85
N SER A 120 28.58 6.17 -8.71
CA SER A 120 28.61 5.19 -9.79
C SER A 120 27.23 4.54 -9.97
N PRO A 121 26.38 5.14 -10.82
CA PRO A 121 25.03 4.58 -11.02
C PRO A 121 24.99 3.08 -11.43
N ALA A 122 25.93 2.65 -12.27
CA ALA A 122 25.98 1.25 -12.73
C ALA A 122 26.15 0.25 -11.59
N ALA A 123 26.82 0.67 -10.51
CA ALA A 123 27.09 -0.20 -9.36
C ALA A 123 25.93 -0.25 -8.35
N ASN A 124 24.89 0.55 -8.61
CA ASN A 124 23.81 0.70 -7.66
C ASN A 124 22.70 -0.34 -7.89
N THR A 125 22.87 -1.52 -7.29
CA THR A 125 21.87 -2.58 -7.37
C THR A 125 20.73 -2.42 -6.34
N ALA A 126 20.95 -1.58 -5.33
CA ALA A 126 19.95 -1.32 -4.29
C ALA A 126 18.79 -0.43 -4.77
N LEU A 127 19.01 0.29 -5.87
CA LEU A 127 18.01 1.16 -6.50
C LEU A 127 17.55 2.29 -5.56
N GLU A 128 18.52 2.85 -4.83
CA GLU A 128 18.31 4.01 -3.97
CA GLU A 128 18.33 3.99 -3.94
C GLU A 128 19.43 5.01 -4.27
N GLY A 129 19.05 6.26 -4.49
CA GLY A 129 19.98 7.28 -5.00
C GLY A 129 19.86 7.32 -6.51
N LEU A 130 20.99 7.53 -7.18
CA LEU A 130 21.01 7.58 -8.65
C LEU A 130 21.39 6.20 -9.19
N TYR A 131 20.55 5.63 -10.03
CA TYR A 131 20.77 4.26 -10.51
C TYR A 131 20.35 4.08 -11.97
N GLN A 132 20.60 2.89 -12.50
CA GLN A 132 20.30 2.57 -13.89
C GLN A 132 19.05 1.70 -13.93
N SER A 133 18.11 2.07 -14.80
CA SER A 133 16.91 1.26 -15.08
C SER A 133 16.92 1.00 -16.57
N GLY A 134 17.35 -0.21 -16.95
CA GLY A 134 17.61 -0.51 -18.36
C GLY A 134 18.70 0.41 -18.89
N ASP A 135 18.37 1.20 -19.90
CA ASP A 135 19.31 2.18 -20.46
C ASP A 135 19.19 3.57 -19.84
N ALA A 136 18.14 3.78 -19.04
CA ALA A 136 17.88 5.08 -18.42
C ALA A 136 18.63 5.23 -17.11
N LEU A 137 18.90 6.47 -16.72
CA LEU A 137 19.35 6.79 -15.38
C LEU A 137 18.20 7.50 -14.67
N CYS A 138 17.98 7.14 -13.42
CA CYS A 138 16.89 7.72 -12.65
C CYS A 138 17.23 7.69 -11.18
N THR A 139 16.49 8.48 -10.40
CA THR A 139 16.73 8.57 -8.96
C THR A 139 15.56 8.04 -8.15
N GLN A 140 15.87 7.62 -6.92
CA GLN A 140 14.89 7.41 -5.86
C GLN A 140 15.52 7.93 -4.58
N CYS A 141 14.95 9.02 -4.05
CA CYS A 141 15.52 9.69 -2.88
C CYS A 141 14.75 9.47 -1.58
N GLU A 142 13.45 9.20 -1.65
CA GLU A 142 12.74 8.88 -0.39
C GLU A 142 13.14 7.50 0.09
N ALA A 143 13.40 7.30 1.38
CA ALA A 143 13.42 8.33 2.43
C ALA A 143 14.77 9.08 2.51
N GLU A 144 15.86 8.34 2.48
CA GLU A 144 17.19 8.89 2.75
C GLU A 144 18.17 8.50 1.63
N GLY A 145 17.71 8.64 0.39
CA GLY A 145 18.50 8.32 -0.79
C GLY A 145 19.34 9.47 -1.31
N PHE A 146 18.96 10.71 -1.01
CA PHE A 146 19.69 11.85 -1.55
C PHE A 146 21.15 11.85 -1.05
N ARG A 147 21.38 11.38 0.16
CA ARG A 147 22.74 11.28 0.70
C ARG A 147 23.62 10.25 -0.03
N HIS A 148 23.02 9.43 -0.88
CA HIS A 148 23.77 8.57 -1.81
C HIS A 148 24.18 9.30 -3.10
N ILE A 149 23.76 10.56 -3.21
CA ILE A 149 24.07 11.41 -4.36
C ILE A 149 25.11 12.49 -4.00
N THR A 150 24.93 13.18 -2.88
CA THR A 150 25.91 14.15 -2.40
C THR A 150 25.81 14.28 -0.88
N TYR A 151 26.80 14.89 -0.25
CA TYR A 151 26.75 15.20 1.17
C TYR A 151 25.75 16.31 1.41
N TYR A 152 24.75 16.06 2.24
CA TYR A 152 23.63 17.00 2.40
C TYR A 152 22.97 16.87 3.77
N LEU A 153 22.16 17.86 4.11
CA LEU A 153 21.26 17.76 5.27
C LEU A 153 20.03 16.96 4.83
N ASP A 154 20.19 15.63 4.84
CA ASP A 154 19.19 14.70 4.29
C ASP A 154 18.13 14.38 5.36
N ARG A 155 17.31 15.41 5.65
CA ARG A 155 16.25 15.37 6.64
C ARG A 155 15.14 16.30 6.12
N PRO A 156 13.86 15.87 6.24
CA PRO A 156 12.76 16.54 5.54
C PRO A 156 12.32 17.89 6.12
N ASP A 157 12.88 18.28 7.26
CA ASP A 157 12.65 19.65 7.81
C ASP A 157 13.63 20.71 7.25
N VAL A 158 14.54 20.30 6.37
CA VAL A 158 15.41 21.22 5.65
C VAL A 158 14.85 21.37 4.25
N LEU A 159 14.25 22.54 3.99
CA LEU A 159 13.64 22.82 2.68
CA LEU A 159 13.62 22.84 2.70
C LEU A 159 14.45 23.87 1.94
N ALA A 160 14.76 23.57 0.68
CA ALA A 160 15.62 24.43 -0.12
C ALA A 160 15.06 24.58 -1.54
N ARG A 161 15.37 25.72 -2.15
CA ARG A 161 15.04 25.94 -3.56
C ARG A 161 16.14 25.34 -4.43
N PHE A 162 15.76 24.44 -5.32
CA PHE A 162 16.70 23.69 -6.15
C PHE A 162 16.81 24.23 -7.56
N THR A 163 18.03 24.33 -8.06
N THR A 163 18.03 24.23 -8.08
CA THR A 163 18.25 24.34 -9.50
CA THR A 163 18.35 24.46 -9.49
C THR A 163 19.12 23.15 -9.82
C THR A 163 19.28 23.33 -9.93
N THR A 164 18.91 22.60 -10.99
CA THR A 164 19.59 21.36 -11.38
C THR A 164 20.04 21.42 -12.82
N LYS A 165 21.36 21.36 -13.00
N LYS A 165 21.36 21.38 -13.03
CA LYS A 165 22.00 21.32 -14.32
CA LYS A 165 21.91 21.33 -14.38
C LYS A 165 22.39 19.87 -14.59
C LYS A 165 22.45 19.93 -14.64
N ILE A 166 22.06 19.37 -15.78
CA ILE A 166 22.38 18.00 -16.14
C ILE A 166 23.16 18.03 -17.46
N ILE A 167 24.32 17.38 -17.47
CA ILE A 167 25.19 17.31 -18.65
C ILE A 167 25.37 15.83 -19.02
N ALA A 168 25.16 15.48 -20.28
CA ALA A 168 25.20 14.07 -20.69
C ALA A 168 25.42 13.90 -22.19
N ASP A 169 25.75 12.67 -22.57
CA ASP A 169 25.82 12.28 -23.98
C ASP A 169 24.45 12.42 -24.65
N LYS A 170 24.40 13.16 -25.76
CA LYS A 170 23.12 13.46 -26.40
C LYS A 170 22.44 12.25 -27.04
N ILE A 171 23.24 11.35 -27.62
CA ILE A 171 22.70 10.16 -28.26
C ILE A 171 22.09 9.20 -27.23
N LYS A 172 22.83 8.96 -26.14
CA LYS A 172 22.38 8.06 -25.08
C LYS A 172 21.25 8.67 -24.25
N TYR A 173 21.35 9.96 -23.98
CA TYR A 173 20.44 10.64 -23.04
C TYR A 173 19.85 11.89 -23.65
N PRO A 174 18.99 11.72 -24.69
CA PRO A 174 18.41 12.90 -25.33
C PRO A 174 17.43 13.69 -24.45
N PHE A 175 16.82 13.01 -23.46
CA PHE A 175 15.93 13.65 -22.50
C PHE A 175 16.62 13.74 -21.15
N LEU A 176 16.73 14.96 -20.63
CA LEU A 176 17.35 15.23 -19.32
C LEU A 176 16.35 16.03 -18.51
N LEU A 177 15.82 15.37 -17.48
CA LEU A 177 14.66 15.86 -16.73
C LEU A 177 15.01 16.05 -15.25
N SER A 178 14.51 17.15 -14.67
CA SER A 178 14.51 17.29 -13.21
C SER A 178 13.25 18.08 -12.81
N ASN A 179 13.08 18.36 -11.52
CA ASN A 179 11.88 19.07 -11.05
C ASN A 179 11.75 20.48 -11.64
N GLY A 180 10.51 20.86 -11.95
CA GLY A 180 10.20 22.24 -12.28
C GLY A 180 10.18 22.53 -13.76
N ASN A 181 10.77 23.67 -14.13
CA ASN A 181 10.76 24.18 -15.51
C ASN A 181 12.16 24.28 -16.07
N ARG A 182 12.29 24.14 -17.39
CA ARG A 182 13.59 24.35 -18.06
C ARG A 182 13.90 25.82 -18.10
N VAL A 183 15.06 26.19 -17.58
CA VAL A 183 15.50 27.58 -17.59
C VAL A 183 16.73 27.84 -18.49
N ALA A 184 17.43 26.80 -18.88
CA ALA A 184 18.61 26.95 -19.75
C ALA A 184 18.88 25.63 -20.45
N GLN A 185 19.56 25.72 -21.59
CA GLN A 185 19.99 24.54 -22.33
C GLN A 185 21.13 24.91 -23.26
N GLY A 186 22.00 23.95 -23.53
CA GLY A 186 23.12 24.19 -24.42
C GLY A 186 23.68 22.92 -24.98
N GLU A 187 24.54 23.08 -25.98
CA GLU A 187 25.28 21.95 -26.52
C GLU A 187 26.76 22.19 -26.31
N LEU A 188 27.50 21.08 -26.22
CA LEU A 188 28.91 21.10 -25.92
C LEU A 188 29.66 20.26 -26.96
N GLU A 189 30.98 20.30 -26.89
CA GLU A 189 31.82 19.47 -27.76
C GLU A 189 31.69 17.99 -27.39
N ASN A 190 32.13 17.13 -28.31
CA ASN A 190 32.19 15.69 -28.10
C ASN A 190 30.83 15.04 -27.83
N GLY A 191 29.80 15.56 -28.48
CA GLY A 191 28.46 14.95 -28.49
C GLY A 191 27.66 15.07 -27.21
N ARG A 192 28.02 16.03 -26.36
N ARG A 192 28.01 16.04 -26.37
CA ARG A 192 27.30 16.25 -25.12
CA ARG A 192 27.34 16.24 -25.07
C ARG A 192 26.31 17.39 -25.24
C ARG A 192 26.46 17.50 -25.07
N HIS A 193 25.37 17.44 -24.32
CA HIS A 193 24.44 18.55 -24.21
C HIS A 193 24.03 18.69 -22.74
N TRP A 194 23.35 19.78 -22.44
CA TRP A 194 22.93 20.06 -21.08
C TRP A 194 21.60 20.82 -21.02
N VAL A 195 20.89 20.62 -19.91
N VAL A 195 20.92 20.63 -19.91
CA VAL A 195 19.57 21.25 -19.62
CA VAL A 195 19.72 21.37 -19.60
C VAL A 195 19.54 21.60 -18.14
C VAL A 195 19.84 21.77 -18.14
N GLN A 196 19.14 22.84 -17.82
CA GLN A 196 19.05 23.31 -16.44
C GLN A 196 17.58 23.56 -16.09
N TRP A 197 17.19 23.05 -14.92
CA TRP A 197 15.82 23.09 -14.41
C TRP A 197 15.78 23.93 -13.15
N GLN A 198 14.63 24.57 -12.91
N GLN A 198 14.65 24.60 -12.92
CA GLN A 198 14.42 25.31 -11.68
CA GLN A 198 14.44 25.29 -11.66
C GLN A 198 13.02 25.02 -11.15
C GLN A 198 13.03 25.05 -11.14
N ASP A 199 12.94 24.78 -9.84
CA ASP A 199 11.66 24.51 -9.16
C ASP A 199 11.50 25.61 -8.11
N PRO A 200 10.47 26.48 -8.26
CA PRO A 200 10.33 27.63 -7.35
C PRO A 200 9.96 27.26 -5.91
N PHE A 201 9.36 26.08 -5.70
CA PHE A 201 8.90 25.69 -4.37
C PHE A 201 10.04 25.06 -3.55
N PRO A 202 10.37 25.65 -2.37
CA PRO A 202 11.33 24.97 -1.50
C PRO A 202 10.88 23.55 -1.21
N LYS A 203 11.83 22.63 -1.19
CA LYS A 203 11.49 21.23 -0.92
C LYS A 203 12.57 20.53 -0.11
N PRO A 204 12.18 19.49 0.62
CA PRO A 204 13.12 18.58 1.24
C PRO A 204 13.78 17.76 0.12
N CYS A 205 15.00 17.30 0.36
CA CYS A 205 15.72 16.58 -0.69
C CYS A 205 15.10 15.25 -1.11
N TYR A 206 14.25 14.65 -0.26
CA TYR A 206 13.58 13.41 -0.66
C TYR A 206 12.70 13.57 -1.90
N LEU A 207 12.33 14.82 -2.21
CA LEU A 207 11.48 15.13 -3.37
C LEU A 207 12.25 15.48 -4.66
N PHE A 208 13.59 15.48 -4.58
CA PHE A 208 14.45 15.70 -5.74
C PHE A 208 14.33 14.52 -6.70
N ALA A 209 14.30 14.80 -8.00
CA ALA A 209 14.36 13.74 -9.00
C ALA A 209 15.18 14.16 -10.21
N LEU A 210 15.82 13.17 -10.81
CA LEU A 210 16.53 13.34 -12.06
C LEU A 210 16.28 12.10 -12.91
N VAL A 211 16.02 12.31 -14.19
CA VAL A 211 15.87 11.22 -15.16
C VAL A 211 16.64 11.59 -16.43
N ALA A 212 17.36 10.62 -16.98
CA ALA A 212 18.07 10.80 -18.25
C ALA A 212 17.86 9.56 -19.09
N GLY A 213 17.47 9.74 -20.35
CA GLY A 213 17.32 8.59 -21.24
C GLY A 213 16.65 8.94 -22.54
N ASP A 214 16.31 7.91 -23.29
CA ASP A 214 15.58 8.02 -24.54
C ASP A 214 14.18 7.42 -24.31
N PHE A 215 13.16 8.21 -24.62
CA PHE A 215 11.78 7.81 -24.31
C PHE A 215 10.85 8.17 -25.46
N ASP A 216 9.76 7.43 -25.58
CA ASP A 216 8.58 7.95 -26.23
C ASP A 216 7.84 8.81 -25.21
N VAL A 217 7.15 9.84 -25.69
CA VAL A 217 6.46 10.78 -24.81
C VAL A 217 5.04 11.02 -25.27
N LEU A 218 4.09 10.79 -24.39
CA LEU A 218 2.70 11.16 -24.62
C LEU A 218 2.45 12.52 -23.99
N ARG A 219 2.00 13.47 -24.80
CA ARG A 219 1.81 14.86 -24.39
C ARG A 219 0.35 15.23 -24.44
N ASP A 220 -0.12 15.90 -23.41
CA ASP A 220 -1.53 16.30 -23.31
C ASP A 220 -1.55 17.58 -22.47
N THR A 221 -2.76 18.10 -22.22
N THR A 221 -2.77 18.06 -22.19
CA THR A 221 -2.89 19.29 -21.38
CA THR A 221 -3.00 19.32 -21.50
C THR A 221 -4.07 19.13 -20.45
C THR A 221 -4.16 19.22 -20.50
N PHE A 222 -4.02 19.85 -19.34
CA PHE A 222 -5.13 20.00 -18.39
C PHE A 222 -5.24 21.48 -18.06
N THR A 223 -6.44 22.02 -18.12
CA THR A 223 -6.69 23.40 -17.74
C THR A 223 -7.39 23.39 -16.39
N THR A 224 -6.75 24.01 -15.40
CA THR A 224 -7.34 24.04 -14.05
C THR A 224 -8.61 24.89 -14.03
N ARG A 225 -9.38 24.74 -12.95
N ARG A 225 -9.39 24.79 -12.96
CA ARG A 225 -10.60 25.51 -12.75
CA ARG A 225 -10.65 25.53 -12.90
C ARG A 225 -10.37 27.00 -13.04
C ARG A 225 -10.48 27.06 -12.88
N SER A 226 -9.32 27.55 -12.45
CA SER A 226 -9.01 28.99 -12.53
C SER A 226 -8.30 29.40 -13.83
N GLY A 227 -8.03 28.45 -14.70
CA GLY A 227 -7.54 28.74 -16.05
C GLY A 227 -6.06 28.51 -16.30
N ARG A 228 -5.34 27.92 -15.33
CA ARG A 228 -3.93 27.60 -15.52
C ARG A 228 -3.80 26.39 -16.46
N GLU A 229 -3.08 26.57 -17.57
CA GLU A 229 -2.83 25.47 -18.49
C GLU A 229 -1.63 24.69 -18.00
N VAL A 230 -1.79 23.38 -17.88
CA VAL A 230 -0.71 22.51 -17.42
C VAL A 230 -0.34 21.56 -18.55
N ALA A 231 0.94 21.55 -18.92
CA ALA A 231 1.47 20.58 -19.88
C ALA A 231 1.63 19.23 -19.16
N LEU A 232 1.02 18.19 -19.70
CA LEU A 232 1.15 16.83 -19.13
C LEU A 232 2.06 16.02 -20.03
N GLU A 233 3.06 15.37 -19.44
CA GLU A 233 4.04 14.61 -20.21
C GLU A 233 4.33 13.27 -19.55
N LEU A 234 4.01 12.20 -20.26
CA LEU A 234 4.23 10.83 -19.81
C LEU A 234 5.34 10.20 -20.65
N TYR A 235 6.45 9.90 -19.99
CA TYR A 235 7.65 9.33 -20.60
C TYR A 235 7.66 7.83 -20.39
N VAL A 236 7.73 7.08 -21.48
CA VAL A 236 7.77 5.61 -21.42
C VAL A 236 8.89 5.08 -22.34
N ASP A 237 9.32 3.85 -22.13
CA ASP A 237 10.32 3.23 -23.00
C ASP A 237 9.82 3.24 -24.44
N ARG A 238 10.76 3.37 -25.37
CA ARG A 238 10.43 3.32 -26.80
C ARG A 238 9.60 2.08 -27.11
N GLY A 239 8.49 2.29 -27.82
CA GLY A 239 7.61 1.20 -28.19
C GLY A 239 6.40 1.01 -27.29
N ASN A 240 6.34 1.73 -26.17
CA ASN A 240 5.28 1.56 -25.17
C ASN A 240 4.16 2.60 -25.20
N LEU A 241 4.13 3.43 -26.25
N LEU A 241 4.14 3.46 -26.23
CA LEU A 241 3.14 4.51 -26.35
CA LEU A 241 3.11 4.51 -26.34
C LEU A 241 1.71 3.99 -26.45
C LEU A 241 1.69 3.95 -26.36
N ASP A 242 1.54 2.75 -26.93
CA ASP A 242 0.24 2.09 -27.02
C ASP A 242 -0.34 1.70 -25.65
N ARG A 243 0.50 1.77 -24.61
CA ARG A 243 0.07 1.43 -23.25
C ARG A 243 -0.03 2.66 -22.33
N ALA A 244 0.04 3.86 -22.90
CA ALA A 244 0.10 5.11 -22.13
C ALA A 244 -1.23 5.87 -21.87
N PRO A 245 -2.19 5.86 -22.84
CA PRO A 245 -3.39 6.69 -22.66
C PRO A 245 -4.21 6.53 -21.38
N TRP A 246 -4.34 5.32 -20.83
CA TRP A 246 -5.15 5.17 -19.62
C TRP A 246 -4.54 5.93 -18.42
N ALA A 247 -3.22 5.86 -18.29
CA ALA A 247 -2.52 6.58 -17.24
C ALA A 247 -2.72 8.10 -17.39
N MET A 248 -2.65 8.60 -18.63
CA MET A 248 -2.88 10.04 -18.92
C MET A 248 -4.32 10.43 -18.56
N THR A 249 -5.28 9.59 -18.96
CA THR A 249 -6.69 9.80 -18.64
C THR A 249 -6.90 9.86 -17.12
N SER A 250 -6.23 8.95 -16.40
CA SER A 250 -6.31 8.86 -14.95
C SER A 250 -5.69 10.09 -14.27
N LEU A 251 -4.61 10.61 -14.85
CA LEU A 251 -4.02 11.84 -14.33
C LEU A 251 -5.00 13.01 -14.41
N LYS A 252 -5.63 13.17 -15.58
CA LYS A 252 -6.62 14.23 -15.74
C LYS A 252 -7.82 14.05 -14.79
N ASN A 253 -8.27 12.80 -14.64
CA ASN A 253 -9.33 12.47 -13.69
C ASN A 253 -8.97 12.87 -12.26
N SER A 254 -7.72 12.58 -11.88
N SER A 254 -7.73 12.62 -11.85
CA SER A 254 -7.18 12.92 -10.56
CA SER A 254 -7.27 12.96 -10.49
C SER A 254 -7.22 14.44 -10.33
C SER A 254 -7.10 14.46 -10.25
N MET A 255 -6.71 15.18 -11.31
CA MET A 255 -6.64 16.65 -11.25
C MET A 255 -8.05 17.22 -11.08
N LYS A 256 -8.98 16.75 -11.90
CA LYS A 256 -10.35 17.23 -11.83
C LYS A 256 -10.99 16.93 -10.46
N TRP A 257 -10.79 15.71 -9.97
CA TRP A 257 -11.39 15.30 -8.70
C TRP A 257 -10.82 16.09 -7.53
N ASP A 258 -9.50 16.34 -7.51
CA ASP A 258 -8.94 17.09 -6.38
C ASP A 258 -9.51 18.52 -6.35
N GLU A 259 -9.77 19.07 -7.52
CA GLU A 259 -10.46 20.37 -7.63
C GLU A 259 -11.89 20.29 -7.05
N GLU A 260 -12.66 19.32 -7.53
CA GLU A 260 -14.07 19.20 -7.16
C GLU A 260 -14.26 18.87 -5.67
N ARG A 261 -13.49 17.91 -5.18
CA ARG A 261 -13.69 17.38 -3.83
C ARG A 261 -12.95 18.19 -2.75
N PHE A 262 -11.69 18.53 -3.01
CA PHE A 262 -10.84 19.22 -2.02
C PHE A 262 -10.57 20.69 -2.32
N GLY A 263 -10.97 21.16 -3.51
CA GLY A 263 -10.70 22.53 -3.96
C GLY A 263 -9.22 22.81 -4.21
N LEU A 264 -8.45 21.80 -4.60
CA LEU A 264 -7.02 21.91 -4.78
C LEU A 264 -6.66 21.84 -6.24
N GLU A 265 -5.87 22.82 -6.68
CA GLU A 265 -5.37 22.88 -8.06
C GLU A 265 -3.86 22.62 -8.12
N TYR A 266 -3.41 22.07 -9.25
CA TYR A 266 -1.98 21.96 -9.51
C TYR A 266 -1.35 23.36 -9.59
N ASP A 267 -0.09 23.43 -9.17
CA ASP A 267 0.58 24.69 -8.84
C ASP A 267 1.82 24.99 -9.71
N LEU A 268 2.10 24.12 -10.68
CA LEU A 268 3.20 24.31 -11.62
C LEU A 268 2.68 24.23 -13.06
N ASP A 269 3.62 24.42 -13.99
CA ASP A 269 3.33 24.56 -15.40
C ASP A 269 3.39 23.27 -16.20
N ILE A 270 4.17 22.31 -15.69
N ILE A 270 4.03 22.28 -15.60
CA ILE A 270 4.32 21.00 -16.32
CA ILE A 270 4.31 21.02 -16.25
C ILE A 270 4.12 19.95 -15.24
C ILE A 270 4.21 19.90 -15.24
N TYR A 271 3.56 18.82 -15.64
CA TYR A 271 3.45 17.63 -14.80
C TYR A 271 4.05 16.48 -15.59
N MET A 272 5.21 15.99 -15.14
CA MET A 272 5.88 14.87 -15.81
C MET A 272 5.74 13.60 -15.00
N ILE A 273 5.52 12.50 -15.71
CA ILE A 273 5.58 11.15 -15.12
C ILE A 273 6.53 10.32 -15.98
N VAL A 274 7.45 9.60 -15.34
CA VAL A 274 8.35 8.68 -16.03
C VAL A 274 8.09 7.25 -15.55
N ALA A 275 7.80 6.34 -16.48
CA ALA A 275 7.57 4.92 -16.15
C ALA A 275 8.89 4.18 -16.30
N VAL A 276 9.38 3.60 -15.21
CA VAL A 276 10.62 2.82 -15.21
C VAL A 276 10.39 1.35 -14.81
N ASP A 277 11.16 0.45 -15.41
CA ASP A 277 10.98 -0.99 -15.18
C ASP A 277 11.60 -1.50 -13.87
N PHE A 278 12.63 -0.80 -13.38
CA PHE A 278 13.38 -1.22 -12.19
C PHE A 278 13.09 -0.23 -11.08
N PHE A 279 12.29 -0.66 -10.10
CA PHE A 279 11.78 0.23 -9.05
C PHE A 279 11.31 -0.62 -7.89
N ASN A 280 11.77 -0.28 -6.69
CA ASN A 280 11.49 -1.11 -5.51
C ASN A 280 10.06 -1.00 -5.02
N MET A 281 9.44 0.17 -5.21
N MET A 281 9.45 0.17 -5.19
CA MET A 281 8.11 0.45 -4.66
CA MET A 281 8.09 0.42 -4.67
C MET A 281 7.08 0.59 -5.79
C MET A 281 7.08 0.58 -5.80
N GLY A 282 6.02 1.35 -5.56
CA GLY A 282 4.97 1.56 -6.54
C GLY A 282 5.22 2.78 -7.40
N ALA A 283 5.33 3.95 -6.77
CA ALA A 283 5.55 5.21 -7.49
C ALA A 283 5.98 6.23 -6.46
N MET A 284 6.48 7.36 -6.95
CA MET A 284 7.09 8.38 -6.12
C MET A 284 6.67 9.78 -6.56
N GLU A 285 6.23 10.55 -5.57
CA GLU A 285 5.64 11.88 -5.78
C GLU A 285 6.61 13.06 -6.01
N ASN A 286 7.80 12.83 -6.59
CA ASN A 286 8.76 13.95 -6.75
C ASN A 286 8.08 15.15 -7.43
N LYS A 287 8.34 16.35 -6.91
CA LYS A 287 7.55 17.55 -7.29
C LYS A 287 7.64 17.76 -8.79
N GLY A 288 6.52 17.67 -9.48
CA GLY A 288 6.46 17.92 -10.93
C GLY A 288 7.15 16.88 -11.82
N LEU A 289 7.76 15.85 -11.22
CA LEU A 289 8.45 14.79 -11.97
C LEU A 289 8.30 13.48 -11.21
N ASN A 290 7.11 12.91 -11.29
CA ASN A 290 6.85 11.64 -10.61
C ASN A 290 7.60 10.53 -11.34
N ILE A 291 8.12 9.59 -10.57
CA ILE A 291 8.73 8.38 -11.13
C ILE A 291 7.89 7.20 -10.67
N PHE A 292 7.42 6.42 -11.65
CA PHE A 292 6.50 5.30 -11.43
C PHE A 292 7.14 3.97 -11.83
N ASN A 293 6.90 2.94 -11.02
CA ASN A 293 7.05 1.57 -11.48
C ASN A 293 6.13 1.40 -12.69
N SER A 294 6.61 0.80 -13.78
N SER A 294 6.68 0.91 -13.80
CA SER A 294 5.74 0.61 -14.94
CA SER A 294 5.94 0.75 -15.06
C SER A 294 4.47 -0.23 -14.68
C SER A 294 4.62 -0.01 -14.88
N LYS A 295 4.48 -1.10 -13.65
N LYS A 295 4.57 -0.85 -13.83
CA LYS A 295 3.27 -1.81 -13.23
CA LYS A 295 3.36 -1.64 -13.51
C LYS A 295 2.09 -0.85 -13.00
C LYS A 295 2.14 -0.77 -13.20
N TYR A 296 2.38 0.41 -12.63
CA TYR A 296 1.30 1.35 -12.34
C TYR A 296 1.14 2.43 -13.39
N VAL A 297 1.62 2.14 -14.60
CA VAL A 297 1.42 3.04 -15.76
C VAL A 297 0.87 2.29 -16.97
N LEU A 298 1.53 1.20 -17.37
CA LEU A 298 1.31 0.61 -18.70
C LEU A 298 0.11 -0.33 -18.74
N ALA A 299 -0.84 -0.03 -19.62
CA ALA A 299 -2.05 -0.86 -19.76
C ALA A 299 -2.62 -0.80 -21.17
N ARG A 300 -3.00 -1.98 -21.65
N ARG A 300 -3.03 -1.97 -21.66
CA ARG A 300 -3.83 -2.16 -22.85
CA ARG A 300 -3.93 -2.05 -22.81
C ARG A 300 -4.81 -3.28 -22.52
C ARG A 300 -4.75 -3.32 -22.60
N THR A 301 -5.86 -3.44 -23.32
CA THR A 301 -6.89 -4.44 -22.98
C THR A 301 -6.41 -5.89 -23.06
N ASP A 302 -5.39 -6.15 -23.88
CA ASP A 302 -4.83 -7.51 -23.98
C ASP A 302 -3.70 -7.79 -23.00
N THR A 303 -3.21 -6.77 -22.29
CA THR A 303 -2.12 -6.94 -21.33
C THR A 303 -2.48 -6.75 -19.86
N ALA A 304 -3.56 -6.01 -19.61
CA ALA A 304 -3.89 -5.54 -18.27
C ALA A 304 -5.32 -5.93 -17.92
N THR A 305 -5.52 -6.29 -16.65
CA THR A 305 -6.84 -6.67 -16.16
C THR A 305 -7.59 -5.44 -15.63
N ASP A 306 -8.89 -5.61 -15.37
CA ASP A 306 -9.70 -4.59 -14.69
C ASP A 306 -8.98 -4.11 -13.41
N LYS A 307 -8.46 -5.07 -12.64
N LYS A 307 -8.43 -5.06 -12.65
CA LYS A 307 -7.71 -4.77 -11.42
CA LYS A 307 -7.72 -4.74 -11.41
C LYS A 307 -6.55 -3.83 -11.72
C LYS A 307 -6.50 -3.86 -11.67
N ASP A 308 -5.76 -4.17 -12.73
CA ASP A 308 -4.64 -3.32 -13.17
C ASP A 308 -5.09 -1.89 -13.54
N TYR A 309 -6.16 -1.79 -14.32
CA TYR A 309 -6.70 -0.48 -14.67
C TYR A 309 -7.05 0.34 -13.43
N LEU A 310 -7.74 -0.29 -12.48
CA LEU A 310 -8.14 0.40 -11.25
C LEU A 310 -6.95 0.72 -10.33
N ASP A 311 -5.92 -0.12 -10.35
CA ASP A 311 -4.67 0.14 -9.61
C ASP A 311 -3.88 1.31 -10.21
N ILE A 312 -3.78 1.34 -11.53
CA ILE A 312 -3.18 2.50 -12.22
C ILE A 312 -3.91 3.79 -11.82
N GLU A 313 -5.24 3.78 -11.87
CA GLU A 313 -6.05 4.93 -11.45
C GLU A 313 -5.72 5.35 -10.01
N ARG A 314 -5.71 4.38 -9.09
N ARG A 314 -5.72 4.35 -9.13
CA ARG A 314 -5.43 4.67 -7.67
CA ARG A 314 -5.41 4.50 -7.72
C ARG A 314 -4.03 5.23 -7.45
C ARG A 314 -4.06 5.17 -7.47
N VAL A 315 -3.03 4.66 -8.12
CA VAL A 315 -1.65 5.07 -7.89
C VAL A 315 -1.31 6.41 -8.56
N ILE A 316 -1.77 6.59 -9.80
CA ILE A 316 -1.69 7.90 -10.45
C ILE A 316 -2.34 8.95 -9.52
N GLY A 317 -3.56 8.66 -9.02
CA GLY A 317 -4.25 9.54 -8.10
C GLY A 317 -3.40 9.81 -6.86
N HIS A 318 -2.98 8.73 -6.20
CA HIS A 318 -2.18 8.82 -4.98
C HIS A 318 -0.97 9.78 -5.14
N GLU A 319 -0.15 9.57 -6.17
CA GLU A 319 1.01 10.44 -6.38
C GLU A 319 0.62 11.90 -6.63
N TYR A 320 -0.45 12.09 -7.42
CA TYR A 320 -0.95 13.42 -7.68
C TYR A 320 -1.42 14.09 -6.38
N PHE A 321 -2.13 13.35 -5.53
CA PHE A 321 -2.68 13.92 -4.30
C PHE A 321 -1.58 14.34 -3.34
N HIS A 322 -0.41 13.69 -3.42
CA HIS A 322 0.74 14.08 -2.62
C HIS A 322 1.19 15.51 -2.93
N ASN A 323 0.83 16.04 -4.10
CA ASN A 323 1.28 17.39 -4.45
C ASN A 323 0.93 18.39 -3.34
N TRP A 324 -0.26 18.21 -2.73
CA TRP A 324 -0.63 18.99 -1.56
C TRP A 324 -0.29 18.28 -0.24
N THR A 325 -0.70 17.01 -0.11
CA THR A 325 -0.54 16.28 1.15
C THR A 325 0.78 15.50 1.09
N GLY A 326 1.88 16.23 1.26
CA GLY A 326 3.24 15.70 1.20
C GLY A 326 4.25 16.68 0.63
N ASN A 327 3.87 17.42 -0.41
CA ASN A 327 4.79 18.33 -1.09
C ASN A 327 4.60 19.77 -0.59
N ARG A 328 3.42 20.36 -0.81
CA ARG A 328 3.18 21.71 -0.29
C ARG A 328 3.24 21.78 1.24
N VAL A 329 2.72 20.74 1.91
CA VAL A 329 2.99 20.52 3.33
C VAL A 329 3.72 19.18 3.45
N THR A 330 4.93 19.21 3.98
CA THR A 330 5.74 18.00 4.10
C THR A 330 5.86 17.54 5.57
N CYS A 331 6.74 16.56 5.82
CA CYS A 331 6.93 15.94 7.14
C CYS A 331 8.13 16.54 7.86
N ARG A 332 7.95 16.91 9.14
CA ARG A 332 9.06 17.42 9.94
C ARG A 332 10.19 16.41 10.11
N ASP A 333 9.83 15.13 10.25
CA ASP A 333 10.79 14.04 10.42
C ASP A 333 10.08 12.77 9.95
N TRP A 334 10.83 11.69 9.80
CA TRP A 334 10.27 10.45 9.22
C TRP A 334 9.30 9.71 10.13
N PHE A 335 9.34 10.01 11.43
CA PHE A 335 8.35 9.45 12.34
C PHE A 335 6.94 9.97 12.01
N GLN A 336 6.88 11.10 11.27
CA GLN A 336 5.61 11.70 10.85
C GLN A 336 5.14 11.21 9.48
N LEU A 337 5.72 10.10 9.01
CA LEU A 337 5.39 9.59 7.68
C LEU A 337 3.86 9.49 7.40
N SER A 338 3.10 9.00 8.37
N SER A 338 3.09 9.03 8.38
CA SER A 338 1.64 8.86 8.21
CA SER A 338 1.64 8.86 8.24
C SER A 338 0.91 10.18 7.95
C SER A 338 0.87 10.17 8.04
N LEU A 339 1.50 11.30 8.40
CA LEU A 339 0.96 12.64 8.11
C LEU A 339 0.70 12.79 6.61
N LYS A 340 1.65 12.35 5.78
CA LYS A 340 1.41 12.35 4.34
C LYS A 340 0.80 11.03 3.83
N GLU A 341 1.23 9.88 4.36
CA GLU A 341 0.74 8.61 3.82
C GLU A 341 -0.69 8.26 4.20
N GLY A 342 -1.05 8.36 5.49
CA GLY A 342 -2.45 8.08 5.90
C GLY A 342 -3.42 8.98 5.14
N LEU A 343 -3.08 10.27 5.09
CA LEU A 343 -3.93 11.27 4.47
C LEU A 343 -4.03 11.07 2.95
N THR A 344 -2.91 10.70 2.33
CA THR A 344 -2.90 10.53 0.87
C THR A 344 -3.57 9.21 0.45
N VAL A 345 -3.39 8.15 1.24
CA VAL A 345 -4.15 6.90 1.05
C VAL A 345 -5.66 7.19 1.21
N PHE A 346 -6.03 7.93 2.25
CA PHE A 346 -7.43 8.31 2.43
C PHE A 346 -7.97 9.01 1.16
N ARG A 347 -7.21 9.98 0.64
CA ARG A 347 -7.55 10.71 -0.57
C ARG A 347 -7.66 9.75 -1.77
N ASP A 348 -6.70 8.82 -1.94
CA ASP A 348 -6.82 7.90 -3.06
C ASP A 348 -8.05 6.99 -2.96
N GLN A 349 -8.42 6.60 -1.74
CA GLN A 349 -9.60 5.77 -1.51
C GLN A 349 -10.88 6.54 -1.84
N GLU A 350 -10.91 7.82 -1.45
CA GLU A 350 -12.06 8.67 -1.70
C GLU A 350 -12.24 8.94 -3.20
N PHE A 351 -11.11 9.11 -3.89
CA PHE A 351 -11.06 9.29 -5.35
C PHE A 351 -11.63 8.04 -6.05
N SER A 352 -11.07 6.86 -5.74
CA SER A 352 -11.55 5.60 -6.33
C SER A 352 -13.03 5.38 -6.03
N SER A 353 -13.43 5.66 -4.78
CA SER A 353 -14.80 5.44 -4.32
C SER A 353 -15.80 6.37 -5.01
N ASP A 354 -15.41 7.63 -5.19
CA ASP A 354 -16.27 8.61 -5.87
C ASP A 354 -16.45 8.21 -7.33
N LEU A 355 -15.35 7.89 -8.01
CA LEU A 355 -15.41 7.57 -9.43
C LEU A 355 -16.02 6.21 -9.74
N GLY A 356 -15.78 5.24 -8.85
CA GLY A 356 -16.20 3.86 -9.06
C GLY A 356 -17.27 3.46 -8.09
N SER A 357 -17.18 2.20 -7.66
CA SER A 357 -18.10 1.64 -6.68
C SER A 357 -17.59 1.91 -5.27
N ARG A 358 -18.29 2.77 -4.52
CA ARG A 358 -17.88 3.02 -3.14
C ARG A 358 -17.90 1.73 -2.31
N ALA A 359 -18.96 0.93 -2.45
CA ALA A 359 -19.07 -0.32 -1.70
C ALA A 359 -17.92 -1.27 -1.99
N VAL A 360 -17.59 -1.48 -3.27
CA VAL A 360 -16.51 -2.39 -3.63
C VAL A 360 -15.18 -1.88 -3.06
N ASN A 361 -14.92 -0.58 -3.19
CA ASN A 361 -13.70 -0.01 -2.61
C ASN A 361 -13.63 -0.21 -1.10
N ARG A 362 -14.73 0.09 -0.40
CA ARG A 362 -14.71 -0.07 1.04
C ARG A 362 -14.46 -1.54 1.42
N ILE A 363 -15.17 -2.45 0.75
CA ILE A 363 -15.01 -3.89 0.98
C ILE A 363 -13.55 -4.31 0.81
N ASN A 364 -12.94 -3.91 -0.31
CA ASN A 364 -11.55 -4.28 -0.56
C ASN A 364 -10.57 -3.69 0.44
N ASN A 365 -10.81 -2.46 0.85
CA ASN A 365 -9.93 -1.84 1.85
C ASN A 365 -10.06 -2.50 3.23
N VAL A 366 -11.28 -2.93 3.56
CA VAL A 366 -11.50 -3.68 4.79
C VAL A 366 -10.85 -5.08 4.75
N ARG A 367 -10.93 -5.75 3.60
N ARG A 367 -10.90 -5.74 3.60
CA ARG A 367 -10.22 -7.01 3.40
CA ARG A 367 -10.21 -7.02 3.43
C ARG A 367 -8.74 -6.81 3.75
C ARG A 367 -8.70 -6.87 3.66
N THR A 368 -8.14 -5.76 3.18
CA THR A 368 -6.72 -5.47 3.40
C THR A 368 -6.41 -5.23 4.88
N MET A 369 -7.27 -4.48 5.55
CA MET A 369 -7.09 -4.19 6.97
C MET A 369 -7.17 -5.47 7.83
N ARG A 370 -8.22 -6.25 7.61
N ARG A 370 -8.28 -6.18 7.70
CA ARG A 370 -8.45 -7.46 8.40
CA ARG A 370 -8.61 -7.26 8.65
C ARG A 370 -7.44 -8.57 8.08
C ARG A 370 -7.79 -8.53 8.40
N GLY A 371 -7.15 -8.77 6.79
N GLY A 371 -7.18 -8.63 7.24
CA GLY A 371 -6.33 -9.89 6.33
CA GLY A 371 -6.26 -9.72 6.98
C GLY A 371 -4.82 -9.68 6.33
C GLY A 371 -4.84 -9.21 7.16
N LEU A 372 -4.39 -8.43 6.20
CA LEU A 372 -2.97 -8.06 6.12
C LEU A 372 -2.51 -7.13 7.24
N GLN A 373 -3.23 -6.04 7.49
CA GLN A 373 -2.76 -5.08 8.50
C GLN A 373 -2.87 -5.63 9.93
N PHE A 374 -3.98 -6.30 10.24
CA PHE A 374 -4.17 -6.90 11.57
C PHE A 374 -3.02 -7.87 11.85
N ALA A 375 -2.61 -8.65 10.85
CA ALA A 375 -1.47 -9.57 11.00
C ALA A 375 -0.18 -8.82 11.38
N GLU A 376 0.10 -7.70 10.71
CA GLU A 376 1.26 -6.90 11.07
C GLU A 376 1.18 -6.38 12.51
N ASP A 377 -0.02 -5.93 12.91
CA ASP A 377 -0.21 -5.41 14.26
C ASP A 377 -0.12 -6.50 15.36
N ALA A 378 -0.17 -7.77 14.95
CA ALA A 378 -0.03 -8.94 15.83
C ALA A 378 1.39 -9.55 15.74
N SER A 379 2.29 -8.84 15.05
CA SER A 379 3.63 -9.34 14.76
C SER A 379 4.74 -8.64 15.55
N PRO A 380 5.98 -9.20 15.52
CA PRO A 380 7.12 -8.53 16.15
C PRO A 380 7.43 -7.13 15.59
N MET A 381 6.94 -6.83 14.39
N MET A 381 6.90 -6.83 14.40
CA MET A 381 7.16 -5.53 13.75
CA MET A 381 7.13 -5.55 13.74
C MET A 381 6.06 -4.52 14.06
C MET A 381 6.15 -4.46 14.18
N ALA A 382 5.16 -4.84 14.99
CA ALA A 382 4.06 -3.94 15.35
C ALA A 382 4.56 -2.55 15.76
N HIS A 383 3.86 -1.52 15.29
CA HIS A 383 4.21 -0.13 15.58
C HIS A 383 2.99 0.73 15.51
N PRO A 384 2.99 1.88 16.23
CA PRO A 384 1.89 2.83 16.04
C PRO A 384 2.03 3.49 14.66
N ILE A 385 0.93 4.04 14.16
CA ILE A 385 0.99 4.76 12.89
C ILE A 385 2.03 5.88 12.87
N ARG A 386 2.31 6.46 14.04
CA ARG A 386 3.46 7.36 14.25
C ARG A 386 4.49 6.58 15.09
N PRO A 387 5.48 5.94 14.43
CA PRO A 387 6.45 5.15 15.20
C PRO A 387 7.26 5.95 16.23
N ASP A 388 7.71 5.26 17.26
CA ASP A 388 8.58 5.84 18.29
C ASP A 388 10.07 5.50 18.12
N MET A 389 10.36 4.41 17.41
CA MET A 389 11.71 3.86 17.26
C MET A 389 11.88 3.24 15.87
N VAL A 390 12.95 3.61 15.18
CA VAL A 390 13.23 3.13 13.83
C VAL A 390 14.74 2.90 13.69
N ILE A 391 15.12 1.72 13.20
CA ILE A 391 16.49 1.47 12.79
C ILE A 391 16.69 1.82 11.31
N GLU A 392 15.87 1.23 10.45
CA GLU A 392 15.91 1.49 9.01
C GLU A 392 14.56 2.01 8.57
N MET A 393 14.52 3.27 8.16
CA MET A 393 13.26 3.93 7.81
C MET A 393 12.55 3.26 6.64
N ASN A 394 13.30 2.64 5.73
CA ASN A 394 12.68 1.90 4.64
C ASN A 394 11.81 0.72 5.10
N ASN A 395 12.02 0.25 6.34
CA ASN A 395 11.17 -0.77 6.95
C ASN A 395 9.80 -0.28 7.41
N PHE A 396 9.56 1.02 7.33
CA PHE A 396 8.33 1.61 7.90
C PHE A 396 7.33 2.15 6.89
N TYR A 397 7.50 1.72 5.64
CA TYR A 397 6.54 1.99 4.58
C TYR A 397 5.54 0.84 4.60
N THR A 398 4.67 0.87 5.61
CA THR A 398 3.94 -0.33 6.03
C THR A 398 2.43 -0.22 5.85
N LEU A 399 1.78 -1.38 5.83
CA LEU A 399 0.34 -1.49 5.98
C LEU A 399 -0.19 -0.64 7.13
N THR A 400 0.54 -0.59 8.25
CA THR A 400 0.13 0.21 9.40
C THR A 400 0.16 1.72 9.07
N VAL A 401 1.30 2.21 8.61
CA VAL A 401 1.47 3.64 8.32
C VAL A 401 0.49 4.12 7.23
N TYR A 402 0.31 3.30 6.20
CA TYR A 402 -0.53 3.61 5.06
C TYR A 402 -2.00 3.30 5.32
N GLU A 403 -2.33 2.02 5.44
CA GLU A 403 -3.72 1.60 5.49
C GLU A 403 -4.38 1.88 6.84
N LYS A 404 -3.74 1.53 7.95
CA LYS A 404 -4.26 1.95 9.24
C LYS A 404 -4.23 3.49 9.38
N GLY A 405 -3.16 4.12 8.88
CA GLY A 405 -3.10 5.60 8.83
C GLY A 405 -4.36 6.18 8.18
N ALA A 406 -4.75 5.61 7.03
CA ALA A 406 -5.98 6.03 6.34
C ALA A 406 -7.25 5.79 7.15
N GLU A 407 -7.33 4.66 7.86
CA GLU A 407 -8.47 4.39 8.72
C GLU A 407 -8.57 5.42 9.84
N VAL A 408 -7.42 5.89 10.35
CA VAL A 408 -7.42 6.92 11.38
C VAL A 408 -7.94 8.26 10.80
N ILE A 409 -7.47 8.65 9.61
CA ILE A 409 -8.02 9.83 8.92
C ILE A 409 -9.54 9.68 8.71
N ARG A 410 -9.95 8.48 8.29
CA ARG A 410 -11.36 8.23 8.04
C ARG A 410 -12.21 8.33 9.33
N MET A 411 -11.65 7.92 10.46
CA MET A 411 -12.30 8.13 11.75
C MET A 411 -12.50 9.61 12.07
N ILE A 412 -11.49 10.43 11.78
CA ILE A 412 -11.65 11.88 11.95
C ILE A 412 -12.81 12.36 11.06
N HIS A 413 -12.83 11.93 9.80
CA HIS A 413 -13.93 12.23 8.89
C HIS A 413 -15.30 11.80 9.46
N THR A 414 -15.35 10.60 10.04
CA THR A 414 -16.57 10.07 10.66
C THR A 414 -17.01 10.95 11.85
N LEU A 415 -16.07 11.36 12.68
CA LEU A 415 -16.37 12.19 13.84
C LEU A 415 -16.77 13.63 13.48
N LEU A 416 -16.21 14.17 12.39
CA LEU A 416 -16.39 15.58 12.03
C LEU A 416 -17.50 15.81 11.00
N GLY A 417 -17.69 14.85 10.10
CA GLY A 417 -18.51 15.04 8.90
C GLY A 417 -17.75 15.77 7.81
N GLU A 418 -18.20 15.64 6.57
CA GLU A 418 -17.49 16.18 5.41
C GLU A 418 -17.21 17.68 5.52
N GLU A 419 -18.20 18.47 5.90
CA GLU A 419 -18.04 19.92 5.91
C GLU A 419 -16.96 20.36 6.90
N ASN A 420 -17.05 19.87 8.14
CA ASN A 420 -16.03 20.13 9.17
C ASN A 420 -14.65 19.60 8.76
N PHE A 421 -14.61 18.40 8.16
CA PHE A 421 -13.36 17.82 7.69
C PHE A 421 -12.68 18.72 6.66
N GLN A 422 -13.45 19.22 5.70
CA GLN A 422 -12.90 20.14 4.70
C GLN A 422 -12.42 21.45 5.33
N LYS A 423 -13.14 21.96 6.33
N LYS A 423 -13.16 21.96 6.31
CA LYS A 423 -12.67 23.14 7.06
CA LYS A 423 -12.72 23.11 7.11
C LYS A 423 -11.33 22.88 7.76
C LYS A 423 -11.33 22.84 7.67
N GLY A 424 -11.17 21.68 8.31
CA GLY A 424 -9.89 21.25 8.90
C GLY A 424 -8.76 21.18 7.86
N MET A 425 -9.05 20.62 6.69
CA MET A 425 -8.08 20.58 5.59
C MET A 425 -7.63 22.01 5.24
N GLN A 426 -8.60 22.91 5.14
CA GLN A 426 -8.35 24.29 4.76
C GLN A 426 -7.46 24.97 5.80
N LEU A 427 -7.76 24.75 7.08
CA LEU A 427 -6.95 25.32 8.14
C LEU A 427 -5.52 24.75 8.16
N TYR A 428 -5.43 23.44 7.96
CA TYR A 428 -4.14 22.74 7.82
C TYR A 428 -3.25 23.41 6.77
N PHE A 429 -3.78 23.59 5.57
CA PHE A 429 -3.03 24.27 4.49
C PHE A 429 -2.72 25.74 4.80
N GLU A 430 -3.69 26.46 5.34
N GLU A 430 -3.71 26.48 5.30
CA GLU A 430 -3.49 27.88 5.69
CA GLU A 430 -3.48 27.87 5.72
C GLU A 430 -2.35 28.04 6.71
C GLU A 430 -2.27 27.95 6.63
N ARG A 431 -2.27 27.15 7.69
CA ARG A 431 -1.23 27.21 8.71
C ARG A 431 0.14 26.71 8.23
N HIS A 432 0.15 25.65 7.43
CA HIS A 432 1.36 24.87 7.21
C HIS A 432 1.91 24.84 5.79
N ASP A 433 1.20 25.45 4.84
N ASP A 433 1.19 25.43 4.85
CA ASP A 433 1.64 25.55 3.45
CA ASP A 433 1.69 25.52 3.48
C ASP A 433 3.05 26.13 3.34
C ASP A 433 3.13 26.04 3.50
N GLY A 434 3.96 25.39 2.72
CA GLY A 434 5.37 25.80 2.56
C GLY A 434 6.26 25.38 3.72
N SER A 435 5.76 24.49 4.59
CA SER A 435 6.53 24.03 5.74
C SER A 435 6.47 22.50 5.92
N ALA A 436 7.28 22.02 6.87
CA ALA A 436 7.30 20.64 7.30
C ALA A 436 6.55 20.56 8.62
N ALA A 437 5.53 19.71 8.68
CA ALA A 437 4.61 19.64 9.83
C ALA A 437 4.62 18.25 10.50
N THR A 438 3.84 18.13 11.57
CA THR A 438 3.73 16.88 12.34
C THR A 438 2.30 16.31 12.30
N CYS A 439 2.17 15.02 12.61
CA CYS A 439 0.83 14.43 12.82
C CYS A 439 0.00 15.27 13.79
N ASP A 440 0.63 15.72 14.87
CA ASP A 440 -0.09 16.52 15.86
C ASP A 440 -0.62 17.85 15.30
N ASP A 441 0.14 18.49 14.41
CA ASP A 441 -0.32 19.72 13.73
C ASP A 441 -1.61 19.47 12.96
N PHE A 442 -1.67 18.34 12.27
CA PHE A 442 -2.85 17.99 11.48
C PHE A 442 -4.08 17.79 12.35
N VAL A 443 -3.91 17.02 13.42
CA VAL A 443 -5.02 16.79 14.36
C VAL A 443 -5.49 18.12 14.97
N GLN A 444 -4.54 18.97 15.36
N GLN A 444 -4.54 18.97 15.37
CA GLN A 444 -4.86 20.28 15.93
CA GLN A 444 -4.82 20.30 15.89
C GLN A 444 -5.65 21.17 14.95
C GLN A 444 -5.70 21.11 14.94
N ALA A 445 -5.32 21.12 13.66
CA ALA A 445 -6.07 21.84 12.63
C ALA A 445 -7.52 21.32 12.55
N MET A 446 -7.69 20.00 12.55
CA MET A 446 -9.02 19.39 12.51
C MET A 446 -9.85 19.78 13.73
N GLU A 447 -9.24 19.73 14.90
CA GLU A 447 -9.88 20.07 16.17
C GLU A 447 -10.28 21.55 16.20
N ASP A 448 -9.35 22.43 15.82
CA ASP A 448 -9.58 23.88 15.84
C ASP A 448 -10.65 24.32 14.84
N ALA A 449 -10.65 23.73 13.65
CA ALA A 449 -11.62 24.10 12.61
C ALA A 449 -13.04 23.62 12.92
N SER A 450 -13.15 22.45 13.55
CA SER A 450 -14.43 21.78 13.74
C SER A 450 -15.06 22.02 15.11
N ASN A 451 -14.23 22.40 16.08
CA ASN A 451 -14.59 22.43 17.51
C ASN A 451 -14.94 21.06 18.10
N VAL A 452 -14.49 19.99 17.45
CA VAL A 452 -14.61 18.64 17.99
C VAL A 452 -13.34 18.32 18.78
N ASP A 453 -13.50 17.87 20.02
CA ASP A 453 -12.37 17.56 20.88
C ASP A 453 -11.69 16.26 20.42
N LEU A 454 -10.44 16.37 19.99
CA LEU A 454 -9.66 15.20 19.53
C LEU A 454 -8.50 14.84 20.46
N SER A 455 -8.54 15.33 21.71
N SER A 455 -8.53 15.35 21.70
CA SER A 455 -7.46 15.06 22.68
CA SER A 455 -7.48 15.07 22.68
C SER A 455 -7.29 13.57 23.01
C SER A 455 -7.32 13.56 22.91
N HIS A 456 -8.41 12.89 23.29
CA HIS A 456 -8.39 11.44 23.49
C HIS A 456 -8.05 10.72 22.17
N PHE A 457 -8.66 11.19 21.09
CA PHE A 457 -8.45 10.60 19.77
C PHE A 457 -6.96 10.48 19.38
N ARG A 458 -6.14 11.43 19.81
CA ARG A 458 -4.70 11.40 19.51
C ARG A 458 -3.99 10.10 19.91
N ARG A 459 -4.54 9.37 20.89
CA ARG A 459 -3.96 8.08 21.28
C ARG A 459 -3.86 7.06 20.13
N TRP A 460 -4.71 7.19 19.12
CA TRP A 460 -4.58 6.36 17.91
C TRP A 460 -3.22 6.51 17.21
N TYR A 461 -2.57 7.65 17.38
CA TYR A 461 -1.24 7.87 16.78
C TYR A 461 -0.10 7.23 17.57
N SER A 462 -0.31 7.01 18.86
N SER A 462 -0.32 7.04 18.88
CA SER A 462 0.77 6.57 19.75
CA SER A 462 0.70 6.60 19.84
C SER A 462 0.65 5.15 20.29
C SER A 462 0.68 5.11 20.15
N GLN A 463 -0.48 4.49 20.01
CA GLN A 463 -0.71 3.13 20.49
C GLN A 463 -0.78 2.13 19.35
N SER A 464 0.00 1.05 19.47
CA SER A 464 0.01 0.02 18.45
C SER A 464 -1.02 -1.08 18.79
N GLY A 465 -1.19 -2.03 17.88
CA GLY A 465 -2.08 -3.17 18.09
C GLY A 465 -3.53 -2.91 17.74
N THR A 466 -4.29 -3.98 17.59
CA THR A 466 -5.67 -3.91 17.16
C THR A 466 -6.62 -4.00 18.36
N PRO A 467 -7.45 -2.97 18.60
CA PRO A 467 -8.41 -3.08 19.70
C PRO A 467 -9.46 -4.14 19.41
N ILE A 468 -9.90 -4.79 20.48
CA ILE A 468 -10.99 -5.76 20.43
C ILE A 468 -12.19 -5.12 21.13
N VAL A 469 -13.28 -5.00 20.38
CA VAL A 469 -14.49 -4.41 20.91
C VAL A 469 -15.54 -5.50 21.10
N THR A 470 -15.98 -5.68 22.34
CA THR A 470 -16.95 -6.73 22.70
C THR A 470 -18.30 -6.06 22.96
N VAL A 471 -19.35 -6.61 22.34
CA VAL A 471 -20.69 -6.04 22.43
C VAL A 471 -21.66 -7.10 22.97
N LYS A 472 -22.44 -6.69 23.97
CA LYS A 472 -23.54 -7.51 24.49
C LYS A 472 -24.78 -6.63 24.43
N ASP A 473 -25.93 -7.24 24.19
CA ASP A 473 -27.16 -6.47 24.12
C ASP A 473 -28.30 -7.06 24.95
N ASP A 474 -29.29 -6.22 25.18
CA ASP A 474 -30.48 -6.60 25.92
C ASP A 474 -31.65 -5.81 25.39
N TYR A 475 -32.76 -6.50 25.15
CA TYR A 475 -34.00 -5.83 24.81
C TYR A 475 -35.01 -6.02 25.94
N ASN A 476 -35.54 -4.90 26.41
CA ASN A 476 -36.51 -4.90 27.50
C ASN A 476 -37.90 -4.58 26.94
N PRO A 477 -38.77 -5.61 26.82
CA PRO A 477 -40.10 -5.39 26.25
C PRO A 477 -41.02 -4.49 27.11
N GLU A 478 -40.81 -4.50 28.42
CA GLU A 478 -41.62 -3.67 29.34
C GLU A 478 -41.43 -2.17 29.08
N THR A 479 -40.18 -1.78 28.83
CA THR A 479 -39.84 -0.36 28.71
C THR A 479 -39.56 0.06 27.27
N GLU A 480 -39.56 -0.93 26.36
CA GLU A 480 -39.19 -0.72 24.95
C GLU A 480 -37.83 -0.03 24.84
N GLN A 481 -36.88 -0.54 25.61
CA GLN A 481 -35.51 -0.05 25.60
C GLN A 481 -34.57 -1.14 25.13
N TYR A 482 -33.56 -0.72 24.36
CA TYR A 482 -32.50 -1.59 23.88
C TYR A 482 -31.21 -1.06 24.47
N THR A 483 -30.45 -1.94 25.10
CA THR A 483 -29.22 -1.57 25.79
C THR A 483 -28.03 -2.31 25.16
N LEU A 484 -27.02 -1.55 24.74
CA LEU A 484 -25.75 -2.09 24.25
C LEU A 484 -24.71 -1.87 25.32
N THR A 485 -24.09 -2.95 25.79
CA THR A 485 -22.94 -2.86 26.67
C THR A 485 -21.70 -3.16 25.86
N ILE A 486 -20.83 -2.15 25.76
CA ILE A 486 -19.68 -2.21 24.85
C ILE A 486 -18.40 -2.08 25.66
N SER A 487 -17.48 -3.03 25.47
N SER A 487 -17.50 -3.04 25.46
CA SER A 487 -16.17 -2.95 26.11
CA SER A 487 -16.19 -3.05 26.10
C SER A 487 -15.05 -3.01 25.09
C SER A 487 -15.09 -2.92 25.06
N GLN A 488 -13.89 -2.50 25.47
CA GLN A 488 -12.73 -2.49 24.57
C GLN A 488 -11.50 -2.86 25.34
N ARG A 489 -10.56 -3.49 24.64
CA ARG A 489 -9.22 -3.71 25.16
C ARG A 489 -8.30 -3.91 23.97
N THR A 490 -7.05 -3.48 24.14
CA THR A 490 -6.01 -3.77 23.18
C THR A 490 -5.00 -4.64 23.90
N PRO A 491 -4.77 -5.84 23.38
CA PRO A 491 -3.74 -6.71 23.94
C PRO A 491 -2.37 -6.05 23.84
N ALA A 492 -1.50 -6.32 24.81
CA ALA A 492 -0.11 -5.90 24.75
C ALA A 492 0.52 -6.37 23.44
N THR A 493 1.45 -5.56 22.94
CA THR A 493 2.20 -5.88 21.72
C THR A 493 3.68 -5.96 22.10
N PRO A 494 4.53 -6.57 21.25
CA PRO A 494 5.95 -6.66 21.61
C PRO A 494 6.64 -5.30 21.84
N ASP A 495 6.13 -4.25 21.20
CA ASP A 495 6.68 -2.88 21.31
C ASP A 495 6.13 -2.07 22.49
N GLN A 496 4.98 -2.48 23.03
CA GLN A 496 4.29 -1.72 24.08
C GLN A 496 3.60 -2.61 25.10
N ALA A 497 4.09 -2.54 26.34
CA ALA A 497 3.49 -3.29 27.46
C ALA A 497 2.27 -2.58 28.07
N GLU A 498 2.16 -1.26 27.84
N GLU A 498 2.17 -1.27 27.83
CA GLU A 498 1.06 -0.47 28.37
CA GLU A 498 1.07 -0.46 28.35
C GLU A 498 0.06 -0.14 27.26
C GLU A 498 0.06 -0.15 27.25
N LYS A 499 -1.21 -0.40 27.51
CA LYS A 499 -2.28 -0.07 26.58
C LYS A 499 -3.39 0.63 27.35
N GLN A 500 -4.05 1.59 26.69
CA GLN A 500 -5.17 2.33 27.28
C GLN A 500 -6.35 2.37 26.31
N PRO A 501 -7.56 2.67 26.80
CA PRO A 501 -8.74 2.79 25.95
C PRO A 501 -8.55 3.90 24.91
N LEU A 502 -9.13 3.66 23.74
CA LEU A 502 -9.12 4.63 22.63
C LEU A 502 -10.49 5.29 22.48
N HIS A 503 -10.52 6.39 21.73
CA HIS A 503 -11.77 7.00 21.29
C HIS A 503 -12.22 6.30 20.01
N ILE A 504 -13.15 5.36 20.17
CA ILE A 504 -13.60 4.52 19.07
C ILE A 504 -14.96 5.00 18.54
N PRO A 505 -15.01 5.54 17.30
CA PRO A 505 -16.31 5.84 16.68
C PRO A 505 -16.97 4.52 16.28
N PHE A 506 -18.10 4.23 16.88
CA PHE A 506 -18.77 2.93 16.75
C PHE A 506 -20.15 3.10 16.11
N ALA A 507 -20.25 2.94 14.80
CA ALA A 507 -21.48 3.24 14.08
C ALA A 507 -22.43 2.05 14.16
N ILE A 508 -23.71 2.33 14.43
CA ILE A 508 -24.72 1.28 14.50
C ILE A 508 -25.98 1.63 13.70
N GLU A 509 -26.78 0.61 13.39
N GLU A 509 -26.73 0.59 13.34
CA GLU A 509 -28.11 0.76 12.80
CA GLU A 509 -28.09 0.72 12.85
C GLU A 509 -29.00 -0.41 13.24
C GLU A 509 -28.90 -0.36 13.54
N LEU A 510 -30.18 -0.08 13.76
CA LEU A 510 -31.10 -1.06 14.32
C LEU A 510 -32.24 -1.33 13.35
N TYR A 511 -32.51 -2.60 13.08
CA TYR A 511 -33.56 -3.01 12.14
C TYR A 511 -34.72 -3.71 12.83
N ASP A 512 -35.94 -3.35 12.45
CA ASP A 512 -37.13 -4.07 12.92
C ASP A 512 -37.38 -5.34 12.09
N ASN A 513 -38.45 -6.07 12.41
CA ASN A 513 -38.77 -7.34 11.74
C ASN A 513 -39.05 -7.27 10.25
N GLU A 514 -39.38 -6.07 9.77
CA GLU A 514 -39.66 -5.83 8.36
C GLU A 514 -38.45 -5.28 7.60
N GLY A 515 -37.32 -5.16 8.29
CA GLY A 515 -36.08 -4.66 7.69
C GLY A 515 -36.02 -3.14 7.63
N LYS A 516 -36.89 -2.47 8.38
CA LYS A 516 -36.89 -1.01 8.45
C LYS A 516 -36.00 -0.52 9.58
N VAL A 517 -35.35 0.61 9.36
CA VAL A 517 -34.47 1.22 10.35
C VAL A 517 -35.29 1.82 11.49
N ILE A 518 -34.94 1.47 12.73
CA ILE A 518 -35.56 2.01 13.93
C ILE A 518 -34.83 3.31 14.33
N PRO A 519 -35.55 4.45 14.39
CA PRO A 519 -34.94 5.72 14.83
C PRO A 519 -34.23 5.59 16.18
N LEU A 520 -33.00 6.09 16.25
CA LEU A 520 -32.23 6.07 17.49
C LEU A 520 -32.55 7.29 18.32
N GLN A 521 -33.00 7.07 19.55
CA GLN A 521 -33.38 8.16 20.43
C GLN A 521 -33.29 7.76 21.90
N LYS A 522 -33.20 8.76 22.76
N LYS A 522 -33.20 8.76 22.78
CA LYS A 522 -33.22 8.58 24.20
CA LYS A 522 -33.23 8.54 24.23
C LYS A 522 -33.84 9.83 24.83
C LYS A 522 -33.70 9.79 24.98
N GLY A 523 -34.75 9.62 25.78
CA GLY A 523 -35.36 10.70 26.56
C GLY A 523 -36.03 11.79 25.73
N GLY A 524 -36.58 11.40 24.59
CA GLY A 524 -37.27 12.34 23.70
C GLY A 524 -36.38 13.10 22.74
N HIS A 525 -35.11 12.72 22.66
CA HIS A 525 -34.14 13.36 21.77
C HIS A 525 -33.46 12.33 20.88
N PRO A 526 -33.25 12.67 19.59
CA PRO A 526 -32.49 11.79 18.69
C PRO A 526 -31.07 11.59 19.21
N VAL A 527 -30.50 10.42 18.91
CA VAL A 527 -29.14 10.08 19.29
C VAL A 527 -28.38 9.80 18.00
N ASN A 528 -27.17 10.35 17.91
CA ASN A 528 -26.31 10.12 16.75
C ASN A 528 -25.96 8.63 16.66
N SER A 529 -26.00 8.09 15.44
CA SER A 529 -25.73 6.66 15.23
C SER A 529 -24.25 6.27 15.36
N VAL A 530 -23.36 7.26 15.39
CA VAL A 530 -21.96 7.03 15.69
C VAL A 530 -21.75 7.18 17.19
N LEU A 531 -21.65 6.06 17.88
CA LEU A 531 -21.46 6.06 19.31
C LEU A 531 -20.00 6.35 19.64
N ASN A 532 -19.78 7.16 20.67
CA ASN A 532 -18.43 7.45 21.14
C ASN A 532 -18.02 6.45 22.22
N VAL A 533 -17.32 5.41 21.80
CA VAL A 533 -16.85 4.38 22.72
C VAL A 533 -15.47 4.81 23.22
N THR A 534 -15.43 5.39 24.41
CA THR A 534 -14.23 6.02 24.95
C THR A 534 -13.68 5.35 26.22
N GLN A 535 -14.48 4.49 26.84
N GLN A 535 -14.48 4.47 26.82
CA GLN A 535 -14.09 3.84 28.10
CA GLN A 535 -14.16 3.82 28.09
C GLN A 535 -13.83 2.35 27.92
C GLN A 535 -13.79 2.35 27.89
N ALA A 536 -13.21 1.75 28.92
CA ALA A 536 -12.98 0.30 28.94
C ALA A 536 -14.32 -0.44 28.85
N GLU A 537 -15.35 0.10 29.49
CA GLU A 537 -16.70 -0.46 29.43
C GLU A 537 -17.72 0.66 29.58
N GLN A 538 -18.81 0.58 28.81
N GLN A 538 -18.75 0.59 28.76
CA GLN A 538 -19.84 1.63 28.74
CA GLN A 538 -19.81 1.55 28.83
C GLN A 538 -21.22 1.04 28.40
C GLN A 538 -21.06 0.96 28.23
N THR A 539 -22.31 1.75 28.74
N THR A 539 -22.18 1.47 28.70
CA THR A 539 -23.66 1.31 28.41
CA THR A 539 -23.49 1.13 28.16
C THR A 539 -24.35 2.39 27.57
C THR A 539 -24.10 2.31 27.40
N PHE A 540 -25.00 1.97 26.48
CA PHE A 540 -25.76 2.92 25.68
C PHE A 540 -27.19 2.42 25.69
N VAL A 541 -28.12 3.28 26.09
CA VAL A 541 -29.55 2.92 26.15
C VAL A 541 -30.33 3.72 25.12
N PHE A 542 -31.20 3.01 24.40
CA PHE A 542 -32.06 3.61 23.39
C PHE A 542 -33.51 3.33 23.77
N ASP A 543 -34.34 4.36 23.61
N ASP A 543 -34.36 4.34 23.68
CA ASP A 543 -35.77 4.36 23.95
CA ASP A 543 -35.77 4.09 23.97
C ASP A 543 -36.64 4.22 22.71
C ASP A 543 -36.64 4.20 22.73
N ASN A 544 -37.94 3.96 22.90
CA ASN A 544 -38.88 3.84 21.78
C ASN A 544 -38.44 2.81 20.75
N VAL A 545 -37.82 1.74 21.24
CA VAL A 545 -37.43 0.61 20.40
C VAL A 545 -38.64 -0.34 20.47
N TYR A 546 -39.47 -0.24 19.43
N TYR A 546 -39.54 -0.23 19.50
CA TYR A 546 -40.81 -0.84 19.37
CA TYR A 546 -40.81 -0.93 19.61
C TYR A 546 -40.83 -2.31 18.98
C TYR A 546 -40.72 -2.43 19.33
N PHE A 547 -39.66 -2.84 18.62
CA PHE A 547 -39.48 -4.24 18.28
C PHE A 547 -38.06 -4.65 18.60
N GLN A 548 -37.87 -5.88 19.04
CA GLN A 548 -36.53 -6.38 19.29
C GLN A 548 -35.67 -6.22 18.03
N PRO A 549 -34.59 -5.42 18.12
CA PRO A 549 -33.86 -5.14 16.90
C PRO A 549 -32.85 -6.21 16.47
N VAL A 550 -32.61 -6.26 15.16
CA VAL A 550 -31.39 -6.90 14.64
C VAL A 550 -30.38 -5.74 14.42
N PRO A 551 -29.26 -5.76 15.15
CA PRO A 551 -28.30 -4.68 15.01
C PRO A 551 -27.31 -4.88 13.86
N ALA A 552 -26.98 -3.80 13.16
CA ALA A 552 -25.80 -3.76 12.32
C ALA A 552 -24.77 -2.97 13.12
N LEU A 553 -23.62 -3.59 13.35
CA LEU A 553 -22.61 -3.04 14.24
C LEU A 553 -21.32 -2.71 13.50
N LEU A 554 -20.63 -1.66 13.97
CA LEU A 554 -19.41 -1.18 13.31
C LEU A 554 -19.65 -0.93 11.83
N CYS A 555 -20.73 -0.23 11.53
CA CYS A 555 -21.14 0.05 10.16
C CYS A 555 -20.03 0.73 9.38
N GLU A 556 -19.87 0.28 8.13
CA GLU A 556 -18.82 0.69 7.20
C GLU A 556 -17.41 0.57 7.81
N PHE A 557 -17.26 -0.38 8.75
CA PHE A 557 -16.00 -0.62 9.47
C PHE A 557 -15.54 0.73 10.02
N SER A 558 -16.35 1.26 10.94
CA SER A 558 -16.21 2.66 11.39
C SER A 558 -14.98 2.91 12.25
N ALA A 559 -14.35 1.84 12.75
CA ALA A 559 -13.06 1.94 13.45
C ALA A 559 -12.29 0.66 13.14
N PRO A 560 -10.95 0.73 13.09
CA PRO A 560 -10.14 -0.45 12.75
C PRO A 560 -9.96 -1.37 13.95
N VAL A 561 -11.01 -2.16 14.24
CA VAL A 561 -11.07 -2.98 15.43
C VAL A 561 -11.62 -4.36 15.09
N LYS A 562 -11.37 -5.32 15.98
CA LYS A 562 -12.00 -6.64 15.94
C LYS A 562 -13.30 -6.59 16.72
N LEU A 563 -14.38 -7.06 16.10
CA LEU A 563 -15.69 -7.05 16.73
C LEU A 563 -16.02 -8.44 17.29
N GLU A 564 -16.37 -8.47 18.58
CA GLU A 564 -16.86 -9.68 19.23
C GLU A 564 -18.33 -9.51 19.64
N TYR A 565 -19.21 -10.10 18.86
CA TYR A 565 -20.65 -10.12 19.16
C TYR A 565 -21.15 -11.50 18.84
N LYS A 566 -22.01 -12.03 19.70
CA LYS A 566 -22.55 -13.39 19.56
C LYS A 566 -23.73 -13.41 18.57
N TRP A 567 -23.42 -13.30 17.28
CA TRP A 567 -24.42 -13.38 16.20
C TRP A 567 -25.11 -14.75 16.16
N SER A 568 -26.40 -14.75 15.84
CA SER A 568 -27.03 -15.98 15.33
C SER A 568 -26.92 -16.01 13.79
N ASP A 569 -26.96 -17.20 13.20
CA ASP A 569 -26.96 -17.33 11.73
C ASP A 569 -28.10 -16.53 11.10
N GLN A 570 -29.29 -16.59 11.69
N GLN A 570 -29.28 -16.62 11.72
CA GLN A 570 -30.47 -15.90 11.13
CA GLN A 570 -30.49 -15.92 11.28
C GLN A 570 -30.41 -14.36 11.25
C GLN A 570 -30.31 -14.40 11.21
N GLN A 571 -29.70 -13.83 12.24
CA GLN A 571 -29.44 -12.37 12.29
C GLN A 571 -28.56 -11.97 11.09
N LEU A 572 -27.55 -12.77 10.81
CA LEU A 572 -26.61 -12.49 9.72
C LEU A 572 -27.27 -12.61 8.35
N THR A 573 -28.07 -13.67 8.14
CA THR A 573 -28.77 -13.82 6.86
C THR A 573 -29.85 -12.73 6.69
N PHE A 574 -30.48 -12.33 7.79
CA PHE A 574 -31.37 -11.17 7.80
C PHE A 574 -30.66 -9.92 7.28
N LEU A 575 -29.48 -9.62 7.83
CA LEU A 575 -28.70 -8.47 7.37
C LEU A 575 -28.28 -8.58 5.91
N MET A 576 -27.93 -9.79 5.46
CA MET A 576 -27.58 -10.00 4.06
C MET A 576 -28.73 -9.63 3.13
N ARG A 577 -29.95 -9.79 3.63
CA ARG A 577 -31.18 -9.54 2.89
C ARG A 577 -31.63 -8.09 3.00
N HIS A 578 -31.41 -7.47 4.16
CA HIS A 578 -32.10 -6.21 4.51
C HIS A 578 -31.25 -4.98 4.79
N ALA A 579 -29.97 -5.15 5.14
CA ALA A 579 -29.15 -4.01 5.52
C ALA A 579 -29.11 -2.94 4.42
N ARG A 580 -29.19 -1.68 4.84
CA ARG A 580 -29.25 -0.53 3.93
C ARG A 580 -27.97 -0.33 3.12
N ASN A 581 -26.83 -0.41 3.79
CA ASN A 581 -25.55 -0.20 3.10
C ASN A 581 -25.02 -1.52 2.57
N ASP A 582 -24.63 -1.52 1.30
CA ASP A 582 -24.05 -2.71 0.66
C ASP A 582 -22.88 -3.29 1.46
N PHE A 583 -22.08 -2.43 2.09
CA PHE A 583 -20.98 -2.92 2.91
C PHE A 583 -21.47 -3.86 4.03
N SER A 584 -22.57 -3.48 4.70
CA SER A 584 -23.13 -4.29 5.79
C SER A 584 -23.59 -5.66 5.34
N ARG A 585 -24.13 -5.74 4.13
CA ARG A 585 -24.57 -7.02 3.57
C ARG A 585 -23.38 -7.95 3.36
N TRP A 586 -22.30 -7.42 2.79
CA TRP A 586 -21.06 -8.18 2.60
C TRP A 586 -20.46 -8.60 3.95
N ASP A 587 -20.39 -7.67 4.88
CA ASP A 587 -19.81 -7.90 6.21
C ASP A 587 -20.56 -8.98 6.97
N ALA A 588 -21.90 -8.97 6.90
CA ALA A 588 -22.73 -10.02 7.49
C ALA A 588 -22.39 -11.40 6.93
N ALA A 589 -22.22 -11.48 5.61
CA ALA A 589 -21.78 -12.71 4.95
C ALA A 589 -20.41 -13.18 5.46
N GLN A 590 -19.50 -12.24 5.70
CA GLN A 590 -18.18 -12.56 6.25
C GLN A 590 -18.28 -13.16 7.65
N SER A 591 -19.11 -12.55 8.50
CA SER A 591 -19.33 -13.07 9.85
C SER A 591 -19.94 -14.49 9.83
N LEU A 592 -20.87 -14.71 8.90
CA LEU A 592 -21.50 -16.01 8.74
C LEU A 592 -20.46 -17.05 8.33
N LEU A 593 -19.66 -16.72 7.32
N LEU A 593 -19.64 -16.71 7.34
CA LEU A 593 -18.59 -17.60 6.84
CA LEU A 593 -18.59 -17.60 6.84
C LEU A 593 -17.55 -17.91 7.91
C LEU A 593 -17.50 -17.89 7.88
N ALA A 594 -17.16 -16.89 8.69
CA ALA A 594 -16.12 -17.03 9.72
C ALA A 594 -16.40 -18.21 10.67
N THR A 595 -17.64 -18.30 11.15
CA THR A 595 -18.04 -19.40 12.04
C THR A 595 -17.71 -20.77 11.43
N TYR A 596 -18.07 -20.93 10.15
CA TYR A 596 -17.93 -22.20 9.47
C TYR A 596 -16.51 -22.48 8.96
N ILE A 597 -15.74 -21.41 8.71
CA ILE A 597 -14.33 -21.56 8.43
C ILE A 597 -13.62 -22.11 9.67
N LYS A 598 -13.90 -21.51 10.82
CA LYS A 598 -13.35 -22.00 12.09
C LYS A 598 -13.75 -23.45 12.37
N LEU A 599 -15.05 -23.74 12.21
CA LEU A 599 -15.54 -25.11 12.41
C LEU A 599 -14.73 -26.10 11.56
N ASN A 600 -14.58 -25.76 10.28
CA ASN A 600 -14.01 -26.69 9.34
C ASN A 600 -12.50 -26.84 9.40
N VAL A 601 -11.81 -25.79 9.85
CA VAL A 601 -10.38 -25.92 10.14
C VAL A 601 -10.16 -26.90 11.32
N ALA A 602 -10.94 -26.77 12.38
CA ALA A 602 -10.88 -27.72 13.50
C ALA A 602 -11.13 -29.17 13.02
N ARG A 603 -12.14 -29.32 12.16
CA ARG A 603 -12.48 -30.62 11.58
C ARG A 603 -11.33 -31.18 10.73
N HIS A 604 -10.74 -30.33 9.88
CA HIS A 604 -9.59 -30.75 9.06
C HIS A 604 -8.48 -31.33 9.93
N GLN A 605 -8.19 -30.68 11.06
CA GLN A 605 -7.15 -31.14 11.98
C GLN A 605 -7.42 -32.52 12.59
N GLN A 606 -8.70 -32.88 12.64
N GLN A 606 -8.68 -32.91 12.66
CA GLN A 606 -9.20 -34.15 13.16
CA GLN A 606 -9.03 -34.25 13.16
C GLN A 606 -9.33 -35.22 12.05
C GLN A 606 -9.49 -35.16 12.03
N GLY A 607 -9.08 -34.82 10.81
CA GLY A 607 -9.27 -35.67 9.62
C GLY A 607 -10.71 -35.85 9.15
N GLN A 608 -11.54 -34.85 9.46
N GLN A 608 -11.54 -34.85 9.46
CA GLN A 608 -12.96 -34.90 9.11
CA GLN A 608 -12.97 -34.89 9.15
C GLN A 608 -13.25 -33.97 7.94
C GLN A 608 -13.31 -33.94 8.00
N PRO A 609 -14.22 -34.35 7.09
CA PRO A 609 -14.56 -33.54 5.91
C PRO A 609 -15.45 -32.35 6.24
N LEU A 610 -15.63 -31.49 5.25
CA LEU A 610 -16.38 -30.25 5.40
C LEU A 610 -17.80 -30.51 5.86
N SER A 611 -18.25 -29.68 6.79
CA SER A 611 -19.62 -29.68 7.28
C SER A 611 -20.16 -28.27 7.15
N LEU A 612 -21.33 -28.12 6.53
CA LEU A 612 -21.94 -26.80 6.32
C LEU A 612 -23.46 -26.91 6.33
N PRO A 613 -24.14 -26.16 7.22
CA PRO A 613 -25.60 -26.25 7.28
C PRO A 613 -26.25 -25.86 5.96
N VAL A 614 -27.34 -26.53 5.62
CA VAL A 614 -28.10 -26.24 4.41
C VAL A 614 -28.47 -24.75 4.34
N HIS A 615 -28.87 -24.17 5.46
CA HIS A 615 -29.31 -22.76 5.45
C HIS A 615 -28.18 -21.78 5.12
N VAL A 616 -26.94 -22.17 5.36
CA VAL A 616 -25.80 -21.33 4.96
C VAL A 616 -25.65 -21.31 3.44
N ALA A 617 -25.62 -22.50 2.82
CA ALA A 617 -25.60 -22.59 1.36
C ALA A 617 -26.78 -21.83 0.73
N ASP A 618 -27.96 -21.93 1.35
CA ASP A 618 -29.15 -21.24 0.86
C ASP A 618 -29.00 -19.70 0.85
N ALA A 619 -28.26 -19.16 1.81
CA ALA A 619 -28.04 -17.71 1.88
C ALA A 619 -27.25 -17.24 0.65
N PHE A 620 -26.27 -18.04 0.24
CA PHE A 620 -25.48 -17.73 -0.94
C PHE A 620 -26.23 -17.97 -2.25
N ARG A 621 -27.10 -19.00 -2.27
CA ARG A 621 -28.00 -19.23 -3.39
C ARG A 621 -28.89 -17.99 -3.60
N ALA A 622 -29.40 -17.44 -2.51
CA ALA A 622 -30.27 -16.27 -2.56
C ALA A 622 -29.57 -15.06 -3.19
N VAL A 623 -28.29 -14.88 -2.85
CA VAL A 623 -27.49 -13.80 -3.42
C VAL A 623 -27.35 -13.96 -4.94
N LEU A 624 -27.06 -15.18 -5.38
CA LEU A 624 -26.97 -15.49 -6.82
C LEU A 624 -28.26 -15.19 -7.58
N LEU A 625 -29.40 -15.48 -6.97
CA LEU A 625 -30.69 -15.36 -7.65
C LEU A 625 -31.43 -14.05 -7.40
N ASP A 626 -30.83 -13.16 -6.61
CA ASP A 626 -31.44 -11.88 -6.31
C ASP A 626 -31.29 -10.95 -7.52
N GLU A 627 -32.42 -10.56 -8.11
CA GLU A 627 -32.41 -9.73 -9.32
C GLU A 627 -32.28 -8.24 -9.01
N LYS A 628 -32.30 -7.89 -7.73
CA LYS A 628 -32.22 -6.49 -7.30
C LYS A 628 -30.81 -6.08 -6.89
N ILE A 629 -30.03 -7.04 -6.40
CA ILE A 629 -28.68 -6.77 -5.88
C ILE A 629 -27.72 -6.26 -6.96
N ASP A 630 -26.95 -5.24 -6.62
CA ASP A 630 -25.86 -4.73 -7.47
C ASP A 630 -24.89 -5.89 -7.77
N PRO A 631 -24.62 -6.16 -9.06
CA PRO A 631 -23.67 -7.22 -9.39
C PRO A 631 -22.30 -7.04 -8.71
N ALA A 632 -21.90 -5.79 -8.48
CA ALA A 632 -20.65 -5.48 -7.79
C ALA A 632 -20.64 -6.06 -6.36
N LEU A 633 -21.76 -5.90 -5.65
CA LEU A 633 -21.91 -6.48 -4.33
C LEU A 633 -21.98 -8.02 -4.36
N ALA A 634 -22.81 -8.56 -5.25
CA ALA A 634 -22.93 -10.00 -5.40
C ALA A 634 -21.57 -10.64 -5.62
N ALA A 635 -20.76 -10.05 -6.48
CA ALA A 635 -19.43 -10.57 -6.79
C ALA A 635 -18.55 -10.66 -5.55
N GLU A 636 -18.58 -9.63 -4.70
CA GLU A 636 -17.77 -9.61 -3.47
C GLU A 636 -18.24 -10.62 -2.42
N ILE A 637 -19.55 -10.75 -2.25
CA ILE A 637 -20.13 -11.78 -1.37
C ILE A 637 -19.72 -13.18 -1.85
N LEU A 638 -19.69 -13.37 -3.16
CA LEU A 638 -19.32 -14.64 -3.78
C LEU A 638 -17.80 -14.84 -3.96
N THR A 639 -17.01 -13.94 -3.40
CA THR A 639 -15.56 -14.07 -3.36
C THR A 639 -15.18 -14.44 -1.94
N LEU A 640 -14.74 -15.68 -1.75
CA LEU A 640 -14.40 -16.18 -0.42
C LEU A 640 -13.21 -15.42 0.17
N PRO A 641 -13.19 -15.23 1.52
CA PRO A 641 -12.02 -14.62 2.14
C PRO A 641 -10.75 -15.34 1.72
N SER A 642 -9.68 -14.60 1.48
CA SER A 642 -8.38 -15.16 1.11
C SER A 642 -7.81 -15.98 2.26
N VAL A 643 -6.78 -16.78 1.97
CA VAL A 643 -6.10 -17.54 3.04
C VAL A 643 -5.50 -16.62 4.12
N ASN A 644 -5.13 -15.40 3.74
CA ASN A 644 -4.65 -14.40 4.71
C ASN A 644 -5.76 -13.85 5.61
N GLU A 645 -6.91 -13.53 5.03
CA GLU A 645 -8.09 -13.15 5.81
C GLU A 645 -8.49 -14.29 6.76
N MET A 646 -8.47 -15.52 6.26
N MET A 646 -8.47 -15.53 6.27
CA MET A 646 -8.83 -16.70 7.07
CA MET A 646 -8.84 -16.69 7.08
C MET A 646 -7.87 -16.87 8.24
C MET A 646 -7.86 -16.91 8.24
N ALA A 647 -6.58 -16.67 7.99
CA ALA A 647 -5.55 -16.80 9.05
C ALA A 647 -5.81 -15.90 10.26
N GLU A 648 -6.33 -14.69 10.04
N GLU A 648 -6.35 -14.72 9.99
CA GLU A 648 -6.59 -13.79 11.17
CA GLU A 648 -6.70 -13.73 11.00
C GLU A 648 -7.80 -14.17 12.05
C GLU A 648 -7.67 -14.26 12.06
N LEU A 649 -8.47 -15.25 11.69
CA LEU A 649 -9.51 -15.81 12.55
C LEU A 649 -8.95 -16.69 13.68
N PHE A 650 -7.66 -17.02 13.60
CA PHE A 650 -7.05 -18.03 14.48
C PHE A 650 -5.86 -17.48 15.28
N ASP A 651 -5.75 -17.89 16.54
CA ASP A 651 -4.57 -17.55 17.34
C ASP A 651 -3.32 -18.22 16.77
N ILE A 652 -3.40 -19.54 16.59
CA ILE A 652 -2.34 -20.31 15.94
C ILE A 652 -2.80 -20.72 14.55
N ILE A 653 -2.02 -20.32 13.55
CA ILE A 653 -2.36 -20.53 12.15
C ILE A 653 -1.94 -21.92 11.69
N ASP A 654 -2.90 -22.67 11.14
CA ASP A 654 -2.63 -23.92 10.46
C ASP A 654 -2.80 -23.68 8.95
N PRO A 655 -1.70 -23.36 8.26
CA PRO A 655 -1.82 -22.89 6.87
C PRO A 655 -2.29 -23.98 5.91
N ILE A 656 -1.94 -25.24 6.20
CA ILE A 656 -2.40 -26.34 5.35
C ILE A 656 -3.90 -26.56 5.52
N ALA A 657 -4.38 -26.60 6.77
CA ALA A 657 -5.81 -26.71 7.04
C ALA A 657 -6.60 -25.59 6.38
N ILE A 658 -6.08 -24.36 6.49
CA ILE A 658 -6.77 -23.21 5.90
C ILE A 658 -6.89 -23.35 4.38
N ALA A 659 -5.78 -23.67 3.71
CA ALA A 659 -5.80 -23.84 2.26
C ALA A 659 -6.78 -24.94 1.83
N GLU A 660 -6.77 -26.06 2.54
N GLU A 660 -6.73 -26.08 2.53
CA GLU A 660 -7.59 -27.19 2.14
CA GLU A 660 -7.57 -27.23 2.22
C GLU A 660 -9.08 -26.95 2.44
C GLU A 660 -9.05 -26.94 2.43
N VAL A 661 -9.36 -26.24 3.52
CA VAL A 661 -10.74 -25.85 3.85
C VAL A 661 -11.30 -24.85 2.82
N ARG A 662 -10.47 -23.89 2.40
CA ARG A 662 -10.89 -22.94 1.37
C ARG A 662 -11.26 -23.67 0.08
N GLU A 663 -10.43 -24.64 -0.32
CA GLU A 663 -10.76 -25.46 -1.49
C GLU A 663 -12.04 -26.29 -1.29
N ALA A 664 -12.16 -26.94 -0.14
CA ALA A 664 -13.32 -27.79 0.15
C ALA A 664 -14.61 -26.97 0.17
N LEU A 665 -14.54 -25.76 0.73
CA LEU A 665 -15.69 -24.87 0.76
C LEU A 665 -16.09 -24.46 -0.65
N THR A 666 -15.10 -24.14 -1.47
CA THR A 666 -15.30 -23.81 -2.87
C THR A 666 -15.98 -24.97 -3.61
N ARG A 667 -15.47 -26.19 -3.43
CA ARG A 667 -16.03 -27.38 -4.06
C ARG A 667 -17.47 -27.65 -3.60
N THR A 668 -17.73 -27.51 -2.31
CA THR A 668 -19.05 -27.74 -1.75
C THR A 668 -20.09 -26.75 -2.34
N LEU A 669 -19.73 -25.47 -2.37
CA LEU A 669 -20.61 -24.46 -2.95
C LEU A 669 -20.79 -24.68 -4.46
N ALA A 670 -19.72 -25.10 -5.14
CA ALA A 670 -19.80 -25.42 -6.58
C ALA A 670 -20.84 -26.50 -6.86
N THR A 671 -20.85 -27.53 -6.02
CA THR A 671 -21.81 -28.65 -6.13
C THR A 671 -23.22 -28.21 -5.79
N GLU A 672 -23.39 -27.57 -4.64
CA GLU A 672 -24.72 -27.14 -4.18
C GLU A 672 -25.37 -26.08 -5.08
N LEU A 673 -24.55 -25.24 -5.70
CA LEU A 673 -25.06 -24.10 -6.49
C LEU A 673 -24.79 -24.22 -7.99
N ALA A 674 -24.46 -25.42 -8.46
CA ALA A 674 -24.02 -25.64 -9.84
C ALA A 674 -24.89 -24.99 -10.93
N ASP A 675 -26.20 -25.23 -10.84
CA ASP A 675 -27.15 -24.73 -11.85
C ASP A 675 -27.23 -23.21 -11.81
N GLU A 676 -27.31 -22.66 -10.60
CA GLU A 676 -27.42 -21.22 -10.40
C GLU A 676 -26.15 -20.49 -10.87
N LEU A 677 -24.99 -21.07 -10.57
CA LEU A 677 -23.71 -20.51 -10.97
C LEU A 677 -23.57 -20.43 -12.50
N LEU A 678 -23.95 -21.49 -13.20
CA LEU A 678 -23.88 -21.49 -14.66
C LEU A 678 -24.84 -20.47 -15.27
N ALA A 679 -26.04 -20.37 -14.71
CA ALA A 679 -27.05 -19.41 -15.16
C ALA A 679 -26.53 -17.98 -15.06
N ILE A 680 -25.93 -17.65 -13.92
CA ILE A 680 -25.44 -16.29 -13.68
C ILE A 680 -24.18 -16.00 -14.51
N TYR A 681 -23.34 -17.02 -14.66
CA TYR A 681 -22.19 -16.94 -15.55
C TYR A 681 -22.62 -16.56 -16.96
N ASN A 682 -23.58 -17.29 -17.52
CA ASN A 682 -24.11 -17.02 -18.86
C ASN A 682 -24.81 -15.65 -18.96
N ALA A 683 -25.62 -15.31 -17.95
CA ALA A 683 -26.39 -14.07 -17.93
C ALA A 683 -25.50 -12.82 -17.98
N ASN A 684 -24.28 -12.94 -17.48
CA ASN A 684 -23.38 -11.80 -17.37
C ASN A 684 -22.32 -11.71 -18.47
N TYR A 685 -22.47 -12.54 -19.50
CA TYR A 685 -21.65 -12.44 -20.71
C TYR A 685 -21.75 -11.03 -21.32
N GLN A 686 -20.59 -10.50 -21.72
CA GLN A 686 -20.49 -9.20 -22.40
C GLN A 686 -19.61 -9.33 -23.65
N SER A 687 -20.18 -9.00 -24.80
CA SER A 687 -19.43 -9.06 -26.06
C SER A 687 -18.41 -7.91 -26.19
N GLU A 688 -18.82 -6.70 -25.83
CA GLU A 688 -17.93 -5.53 -25.81
C GLU A 688 -17.11 -5.51 -24.52
N TYR A 689 -15.81 -5.22 -24.63
CA TYR A 689 -14.98 -4.96 -23.46
C TYR A 689 -14.88 -3.46 -23.20
N ARG A 690 -15.26 -3.04 -21.99
CA ARG A 690 -15.21 -1.64 -21.57
C ARG A 690 -14.62 -1.52 -20.17
N VAL A 691 -13.70 -0.57 -19.99
CA VAL A 691 -13.21 -0.22 -18.67
C VAL A 691 -14.17 0.83 -18.11
N GLU A 692 -15.33 0.35 -17.68
CA GLU A 692 -16.41 1.17 -17.15
C GLU A 692 -17.01 0.39 -15.99
N HIS A 693 -17.40 1.09 -14.92
CA HIS A 693 -17.71 0.41 -13.67
C HIS A 693 -18.85 -0.59 -13.72
N GLU A 694 -19.89 -0.31 -14.48
CA GLU A 694 -21.01 -1.25 -14.60
C GLU A 694 -20.55 -2.54 -15.27
N ASP A 695 -19.73 -2.40 -16.32
CA ASP A 695 -19.17 -3.54 -17.04
C ASP A 695 -18.19 -4.33 -16.19
N ILE A 696 -17.35 -3.63 -15.44
CA ILE A 696 -16.41 -4.27 -14.53
C ILE A 696 -17.16 -5.11 -13.50
N ALA A 697 -18.24 -4.56 -12.94
CA ALA A 697 -19.04 -5.26 -11.94
C ALA A 697 -19.59 -6.59 -12.50
N LYS A 698 -20.18 -6.54 -13.69
CA LYS A 698 -20.76 -7.74 -14.32
C LYS A 698 -19.69 -8.80 -14.61
N ARG A 699 -18.52 -8.35 -15.06
CA ARG A 699 -17.39 -9.23 -15.33
C ARG A 699 -16.83 -9.84 -14.04
N THR A 700 -16.75 -9.05 -12.98
CA THR A 700 -16.32 -9.55 -11.67
C THR A 700 -17.27 -10.66 -11.16
N LEU A 701 -18.59 -10.45 -11.33
CA LEU A 701 -19.57 -11.47 -10.98
C LEU A 701 -19.44 -12.73 -11.84
N ARG A 702 -19.33 -12.55 -13.15
CA ARG A 702 -19.18 -13.66 -14.06
C ARG A 702 -17.95 -14.51 -13.69
N ASN A 703 -16.83 -13.85 -13.44
CA ASN A 703 -15.60 -14.56 -13.10
C ASN A 703 -15.60 -15.15 -11.69
N ALA A 704 -16.34 -14.54 -10.76
CA ALA A 704 -16.59 -15.14 -9.45
C ALA A 704 -17.32 -16.48 -9.61
N CYS A 705 -18.31 -16.50 -10.50
CA CYS A 705 -19.05 -17.72 -10.79
C CYS A 705 -18.15 -18.77 -11.44
N LEU A 706 -17.33 -18.34 -12.39
CA LEU A 706 -16.36 -19.22 -13.05
C LEU A 706 -15.44 -19.92 -12.05
N ARG A 707 -15.00 -19.19 -11.01
CA ARG A 707 -14.13 -19.76 -10.00
C ARG A 707 -14.75 -21.00 -9.37
N PHE A 708 -16.03 -20.90 -8.98
CA PHE A 708 -16.74 -22.05 -8.42
C PHE A 708 -16.95 -23.13 -9.47
N LEU A 709 -17.37 -22.74 -10.67
CA LEU A 709 -17.60 -23.69 -11.75
C LEU A 709 -16.36 -24.51 -12.09
N ALA A 710 -15.18 -23.91 -11.98
CA ALA A 710 -13.91 -24.62 -12.19
C ALA A 710 -13.71 -25.78 -11.21
N PHE A 711 -14.32 -25.67 -10.03
CA PHE A 711 -14.19 -26.68 -8.96
C PHE A 711 -15.40 -27.61 -8.94
N GLY A 712 -16.18 -27.60 -10.02
CA GLY A 712 -17.32 -28.51 -10.19
C GLY A 712 -16.89 -29.78 -10.91
N GLU A 713 -17.83 -30.39 -11.63
CA GLU A 713 -17.56 -31.59 -12.41
C GLU A 713 -16.45 -31.32 -13.43
N THR A 714 -15.44 -32.19 -13.44
CA THR A 714 -14.18 -31.95 -14.16
C THR A 714 -14.36 -31.66 -15.65
N HIS A 715 -15.18 -32.44 -16.34
CA HIS A 715 -15.34 -32.27 -17.78
C HIS A 715 -15.95 -30.92 -18.15
N LEU A 716 -17.09 -30.57 -17.54
CA LEU A 716 -17.73 -29.27 -17.76
C LEU A 716 -16.77 -28.13 -17.40
N ALA A 717 -16.10 -28.26 -16.27
CA ALA A 717 -15.13 -27.27 -15.79
C ALA A 717 -14.02 -27.04 -16.82
N ASP A 718 -13.43 -28.12 -17.31
CA ASP A 718 -12.32 -28.05 -18.27
C ASP A 718 -12.76 -27.37 -19.58
N VAL A 719 -13.95 -27.73 -20.05
CA VAL A 719 -14.52 -27.13 -21.26
C VAL A 719 -14.78 -25.63 -21.10
N LEU A 720 -15.45 -25.26 -20.01
N LEU A 720 -15.47 -25.26 -20.02
CA LEU A 720 -15.80 -23.87 -19.74
CA LEU A 720 -15.78 -23.85 -19.75
C LEU A 720 -14.56 -22.98 -19.59
C LEU A 720 -14.53 -22.99 -19.64
N VAL A 721 -13.58 -23.46 -18.83
CA VAL A 721 -12.34 -22.72 -18.57
C VAL A 721 -11.48 -22.56 -19.83
N SER A 722 -11.26 -23.66 -20.56
N SER A 722 -11.26 -23.66 -20.57
CA SER A 722 -10.49 -23.61 -21.80
CA SER A 722 -10.47 -23.59 -21.78
C SER A 722 -11.14 -22.70 -22.82
C SER A 722 -11.14 -22.71 -22.84
N LYS A 723 -12.46 -22.79 -22.93
CA LYS A 723 -13.24 -21.94 -23.86
C LYS A 723 -13.07 -20.46 -23.52
N GLN A 724 -13.21 -20.11 -22.25
CA GLN A 724 -13.05 -18.71 -21.86
C GLN A 724 -11.64 -18.19 -22.15
N PHE A 725 -10.63 -18.98 -21.84
CA PHE A 725 -9.25 -18.60 -22.12
C PHE A 725 -9.03 -18.30 -23.60
N HIS A 726 -9.51 -19.19 -24.46
CA HIS A 726 -9.31 -19.05 -25.91
C HIS A 726 -10.19 -18.00 -26.56
N GLU A 727 -11.39 -17.79 -26.02
CA GLU A 727 -12.36 -16.86 -26.62
C GLU A 727 -12.32 -15.44 -26.02
N ALA A 728 -11.62 -15.27 -24.90
CA ALA A 728 -11.50 -13.97 -24.22
C ALA A 728 -11.02 -12.86 -25.17
N ASN A 729 -11.68 -11.71 -25.12
CA ASN A 729 -11.22 -10.55 -25.90
C ASN A 729 -10.52 -9.51 -25.03
N ASN A 730 -10.08 -9.92 -23.85
CA ASN A 730 -9.40 -9.05 -22.89
C ASN A 730 -8.64 -9.91 -21.86
N MET A 731 -7.64 -9.30 -21.23
CA MET A 731 -6.81 -10.01 -20.27
C MET A 731 -7.56 -10.39 -18.98
N THR A 732 -8.54 -9.61 -18.55
CA THR A 732 -9.31 -9.94 -17.33
C THR A 732 -9.92 -11.34 -17.45
N ASP A 733 -10.61 -11.57 -18.56
CA ASP A 733 -11.28 -12.85 -18.78
C ASP A 733 -10.28 -13.99 -19.06
N ALA A 734 -9.23 -13.70 -19.83
CA ALA A 734 -8.19 -14.70 -20.09
C ALA A 734 -7.51 -15.14 -18.79
N LEU A 735 -7.14 -14.18 -17.95
CA LEU A 735 -6.43 -14.48 -16.71
C LEU A 735 -7.33 -15.17 -15.68
N ALA A 736 -8.60 -14.78 -15.61
CA ALA A 736 -9.56 -15.48 -14.74
C ALA A 736 -9.64 -16.97 -15.09
N ALA A 737 -9.70 -17.26 -16.39
CA ALA A 737 -9.73 -18.65 -16.86
C ALA A 737 -8.43 -19.39 -16.51
N LEU A 738 -7.29 -18.77 -16.81
CA LEU A 738 -5.99 -19.38 -16.52
C LEU A 738 -5.82 -19.67 -15.01
N SER A 739 -6.20 -18.70 -14.19
N SER A 739 -6.19 -18.69 -14.19
CA SER A 739 -6.11 -18.82 -12.74
CA SER A 739 -6.12 -18.81 -12.73
C SER A 739 -6.99 -19.95 -12.19
C SER A 739 -6.97 -19.98 -12.23
N ALA A 740 -8.18 -20.10 -12.76
CA ALA A 740 -9.10 -21.19 -12.40
C ALA A 740 -8.52 -22.56 -12.79
N ALA A 741 -7.88 -22.65 -13.96
CA ALA A 741 -7.23 -23.88 -14.42
C ALA A 741 -6.12 -24.31 -13.46
N VAL A 742 -5.34 -23.34 -12.98
CA VAL A 742 -4.29 -23.62 -12.01
C VAL A 742 -4.89 -24.01 -10.64
N ALA A 743 -5.85 -23.22 -10.18
CA ALA A 743 -6.42 -23.42 -8.83
C ALA A 743 -7.08 -24.78 -8.70
N ALA A 744 -7.81 -25.20 -9.74
CA ALA A 744 -8.56 -26.44 -9.74
C ALA A 744 -7.78 -27.61 -10.36
N GLN A 745 -6.53 -27.36 -10.75
CA GLN A 745 -5.65 -28.38 -11.34
C GLN A 745 -6.36 -29.11 -12.49
N LEU A 746 -6.93 -28.34 -13.41
CA LEU A 746 -7.71 -28.90 -14.51
C LEU A 746 -6.81 -29.52 -15.58
N PRO A 747 -7.35 -30.47 -16.36
CA PRO A 747 -6.59 -31.09 -17.46
C PRO A 747 -5.90 -30.09 -18.41
N CYS A 748 -6.59 -29.01 -18.76
CA CYS A 748 -6.08 -28.02 -19.71
C CYS A 748 -4.95 -27.14 -19.17
N ARG A 749 -4.69 -27.19 -17.87
CA ARG A 749 -3.75 -26.27 -17.20
C ARG A 749 -2.39 -26.13 -17.91
N ASP A 750 -1.68 -27.24 -18.11
CA ASP A 750 -0.33 -27.17 -18.67
C ASP A 750 -0.32 -26.58 -20.08
N ALA A 751 -1.33 -26.95 -20.89
CA ALA A 751 -1.46 -26.41 -22.23
C ALA A 751 -1.65 -24.90 -22.20
N LEU A 752 -2.58 -24.44 -21.37
CA LEU A 752 -2.87 -23.00 -21.26
C LEU A 752 -1.69 -22.21 -20.74
N MET A 753 -1.01 -22.74 -19.72
CA MET A 753 0.18 -22.10 -19.15
C MET A 753 1.30 -21.97 -20.19
N GLN A 754 1.50 -23.01 -20.99
CA GLN A 754 2.50 -22.96 -22.06
C GLN A 754 2.12 -21.95 -23.16
N GLU A 755 0.85 -21.92 -23.52
N GLU A 755 0.84 -21.89 -23.49
CA GLU A 755 0.35 -20.96 -24.50
CA GLU A 755 0.33 -20.95 -24.51
C GLU A 755 0.64 -19.52 -24.07
C GLU A 755 0.51 -19.49 -24.09
N TYR A 756 0.34 -19.22 -22.80
CA TYR A 756 0.57 -17.88 -22.25
C TYR A 756 2.06 -17.50 -22.30
N ASP A 757 2.93 -18.40 -21.83
CA ASP A 757 4.38 -18.23 -21.90
C ASP A 757 4.84 -17.96 -23.34
N ASP A 758 4.43 -18.80 -24.28
CA ASP A 758 4.84 -18.64 -25.67
C ASP A 758 4.41 -17.29 -26.25
N LYS A 759 3.23 -16.81 -25.86
CA LYS A 759 2.72 -15.53 -26.35
C LYS A 759 3.36 -14.30 -25.69
N TRP A 760 3.67 -14.39 -24.40
CA TRP A 760 3.94 -13.20 -23.58
C TRP A 760 5.32 -13.11 -22.93
N HIS A 761 6.18 -14.09 -23.20
CA HIS A 761 7.48 -14.18 -22.50
C HIS A 761 8.34 -12.90 -22.59
N GLN A 762 8.17 -12.14 -23.67
CA GLN A 762 8.92 -10.90 -23.91
C GLN A 762 8.42 -9.72 -23.07
N ASN A 763 7.26 -9.88 -22.44
CA ASN A 763 6.61 -8.80 -21.70
C ASN A 763 6.60 -9.09 -20.19
N GLY A 764 7.50 -8.43 -19.47
CA GLY A 764 7.72 -8.69 -18.05
C GLY A 764 6.49 -8.49 -17.17
N LEU A 765 5.75 -7.41 -17.41
CA LEU A 765 4.55 -7.11 -16.61
C LEU A 765 3.48 -8.19 -16.81
N VAL A 766 3.33 -8.64 -18.05
CA VAL A 766 2.38 -9.70 -18.35
C VAL A 766 2.85 -11.03 -17.72
N MET A 767 4.15 -11.32 -17.80
CA MET A 767 4.69 -12.54 -17.20
C MET A 767 4.61 -12.56 -15.68
N ASP A 768 4.62 -11.39 -15.04
CA ASP A 768 4.41 -11.31 -13.59
C ASP A 768 3.14 -12.05 -13.14
N LYS A 769 2.07 -11.93 -13.90
CA LYS A 769 0.81 -12.62 -13.59
C LYS A 769 0.97 -14.14 -13.61
N TRP A 770 1.74 -14.61 -14.59
CA TRP A 770 2.03 -16.03 -14.80
C TRP A 770 2.95 -16.57 -13.69
N PHE A 771 3.99 -15.82 -13.33
CA PHE A 771 4.83 -16.15 -12.17
C PHE A 771 4.01 -16.25 -10.88
N ILE A 772 3.07 -15.33 -10.66
CA ILE A 772 2.19 -15.39 -9.50
C ILE A 772 1.37 -16.67 -9.48
N LEU A 773 0.79 -17.02 -10.63
CA LEU A 773 0.03 -18.27 -10.74
C LEU A 773 0.88 -19.51 -10.44
N GLN A 774 2.10 -19.53 -10.96
CA GLN A 774 3.04 -20.63 -10.68
C GLN A 774 3.34 -20.70 -9.18
N ALA A 775 3.63 -19.55 -8.59
CA ALA A 775 4.04 -19.43 -7.18
C ALA A 775 2.93 -19.81 -6.19
N THR A 776 1.68 -19.58 -6.57
CA THR A 776 0.54 -19.80 -5.69
C THR A 776 -0.24 -21.08 -6.06
N SER A 777 0.36 -21.89 -6.92
CA SER A 777 -0.26 -23.13 -7.37
C SER A 777 -0.46 -24.12 -6.22
N PRO A 778 -1.62 -24.83 -6.20
CA PRO A 778 -1.86 -25.86 -5.19
C PRO A 778 -1.15 -27.20 -5.51
N ALA A 779 -0.47 -27.29 -6.63
CA ALA A 779 0.20 -28.53 -7.04
C ALA A 779 1.23 -29.00 -6.02
N ALA A 780 1.31 -30.31 -5.83
CA ALA A 780 2.27 -30.93 -4.90
C ALA A 780 3.71 -30.52 -5.17
N ASN A 781 4.06 -30.32 -6.44
CA ASN A 781 5.43 -30.01 -6.84
C ASN A 781 5.72 -28.51 -7.03
N VAL A 782 4.92 -27.66 -6.39
CA VAL A 782 5.04 -26.20 -6.57
C VAL A 782 6.45 -25.67 -6.29
N LEU A 783 7.08 -26.08 -5.20
CA LEU A 783 8.43 -25.58 -4.88
C LEU A 783 9.46 -25.96 -5.94
N GLU A 784 9.42 -27.21 -6.39
CA GLU A 784 10.26 -27.66 -7.50
C GLU A 784 10.09 -26.76 -8.73
N THR A 785 8.84 -26.47 -9.08
CA THR A 785 8.53 -25.62 -10.24
C THR A 785 9.07 -24.20 -10.03
N VAL A 786 8.82 -23.64 -8.86
CA VAL A 786 9.30 -22.29 -8.52
C VAL A 786 10.82 -22.19 -8.60
N ARG A 787 11.52 -23.18 -8.02
CA ARG A 787 12.98 -23.23 -8.12
C ARG A 787 13.45 -23.24 -9.57
N GLY A 788 12.82 -24.07 -10.40
CA GLY A 788 13.15 -24.15 -11.82
C GLY A 788 12.96 -22.84 -12.55
N LEU A 789 11.91 -22.10 -12.15
CA LEU A 789 11.58 -20.80 -12.76
C LEU A 789 12.59 -19.69 -12.50
N LEU A 790 13.49 -19.88 -11.53
CA LEU A 790 14.63 -18.99 -11.35
C LEU A 790 15.50 -18.92 -12.61
N GLN A 791 15.41 -19.95 -13.45
CA GLN A 791 16.14 -20.00 -14.72
C GLN A 791 15.29 -19.63 -15.94
N HIS A 792 14.03 -19.25 -15.71
CA HIS A 792 13.12 -18.93 -16.80
C HIS A 792 13.58 -17.72 -17.60
N ARG A 793 13.34 -17.76 -18.91
CA ARG A 793 13.68 -16.66 -19.84
C ARG A 793 13.14 -15.28 -19.43
N SER A 794 12.01 -15.25 -18.72
CA SER A 794 11.35 -14.01 -18.32
C SER A 794 11.68 -13.56 -16.89
N PHE A 795 12.46 -14.38 -16.17
CA PHE A 795 12.81 -14.07 -14.79
C PHE A 795 14.23 -13.51 -14.66
N THR A 796 14.39 -12.54 -13.75
CA THR A 796 15.73 -12.08 -13.36
C THR A 796 15.76 -11.54 -11.92
N MET A 797 16.81 -11.93 -11.18
CA MET A 797 17.04 -11.41 -9.84
C MET A 797 17.37 -9.92 -9.81
N SER A 798 17.65 -9.33 -10.97
CA SER A 798 17.95 -7.90 -11.09
C SER A 798 16.69 -7.02 -11.05
N ASN A 799 15.51 -7.62 -11.15
CA ASN A 799 14.27 -6.86 -11.28
C ASN A 799 13.32 -7.11 -10.11
N PRO A 800 13.09 -6.08 -9.26
CA PRO A 800 12.19 -6.22 -8.10
C PRO A 800 10.79 -6.77 -8.44
N ASN A 801 10.20 -6.35 -9.56
CA ASN A 801 8.90 -6.89 -9.96
C ASN A 801 8.92 -8.40 -10.18
N ARG A 802 9.94 -8.90 -10.89
CA ARG A 802 10.08 -10.35 -11.12
C ARG A 802 10.25 -11.10 -9.81
N ILE A 803 11.10 -10.54 -8.94
CA ILE A 803 11.38 -11.15 -7.65
C ILE A 803 10.09 -11.29 -6.83
N ARG A 804 9.32 -10.21 -6.77
CA ARG A 804 8.08 -10.18 -6.02
C ARG A 804 7.02 -11.13 -6.58
N SER A 805 6.97 -11.27 -7.90
N SER A 805 6.94 -11.25 -7.90
CA SER A 805 5.93 -12.06 -8.58
CA SER A 805 5.90 -12.07 -8.53
C SER A 805 6.18 -13.57 -8.53
C SER A 805 6.18 -13.58 -8.37
N LEU A 806 7.44 -13.95 -8.33
CA LEU A 806 7.82 -15.37 -8.19
C LEU A 806 8.11 -15.74 -6.73
N ILE A 807 9.15 -15.13 -6.16
CA ILE A 807 9.61 -15.49 -4.83
C ILE A 807 8.67 -14.93 -3.75
N GLY A 808 8.32 -13.64 -3.84
CA GLY A 808 7.41 -13.00 -2.89
C GLY A 808 6.05 -13.67 -2.84
N ALA A 809 5.52 -14.00 -4.01
CA ALA A 809 4.21 -14.62 -4.11
C ALA A 809 4.22 -16.01 -3.48
N PHE A 810 5.31 -16.77 -3.67
CA PHE A 810 5.45 -18.07 -3.03
C PHE A 810 5.41 -17.96 -1.51
N ALA A 811 6.28 -17.12 -0.95
CA ALA A 811 6.44 -17.07 0.50
C ALA A 811 5.25 -16.39 1.20
N GLY A 812 4.69 -15.37 0.56
CA GLY A 812 3.62 -14.57 1.14
C GLY A 812 2.21 -15.01 0.80
N SER A 813 2.03 -15.54 -0.40
CA SER A 813 0.69 -15.87 -0.91
C SER A 813 0.46 -17.37 -1.17
N ASN A 814 1.45 -18.19 -0.86
CA ASN A 814 1.26 -19.63 -0.81
C ASN A 814 1.69 -20.15 0.56
N PRO A 815 1.06 -19.67 1.65
CA PRO A 815 1.48 -20.12 2.98
C PRO A 815 1.43 -21.65 3.17
N ALA A 816 0.52 -22.34 2.49
CA ALA A 816 0.45 -23.81 2.59
C ALA A 816 1.74 -24.49 2.13
N ALA A 817 2.29 -24.02 1.00
CA ALA A 817 3.54 -24.54 0.47
C ALA A 817 4.77 -23.94 1.18
N PHE A 818 4.73 -22.65 1.47
CA PHE A 818 5.83 -22.01 2.19
C PHE A 818 6.04 -22.70 3.55
N HIS A 819 4.94 -23.10 4.18
CA HIS A 819 4.95 -23.75 5.48
C HIS A 819 4.86 -25.28 5.37
N ALA A 820 5.36 -25.84 4.26
CA ALA A 820 5.47 -27.28 4.10
C ALA A 820 6.15 -27.86 5.34
N GLU A 821 5.62 -28.99 5.81
CA GLU A 821 6.10 -29.58 7.08
C GLU A 821 7.58 -29.96 7.07
N ASP A 822 8.13 -30.23 5.88
CA ASP A 822 9.55 -30.58 5.77
C ASP A 822 10.51 -29.38 5.90
N GLY A 823 9.96 -28.17 5.99
CA GLY A 823 10.77 -26.96 6.14
C GLY A 823 11.42 -26.45 4.86
N SER A 824 11.08 -27.07 3.73
CA SER A 824 11.66 -26.73 2.43
C SER A 824 11.38 -25.28 1.99
N GLY A 825 10.20 -24.75 2.33
CA GLY A 825 9.86 -23.35 2.02
C GLY A 825 10.79 -22.38 2.71
N TYR A 826 11.10 -22.63 3.98
CA TYR A 826 11.98 -21.75 4.75
C TYR A 826 13.40 -21.78 4.18
N LEU A 827 13.86 -22.98 3.82
CA LEU A 827 15.21 -23.12 3.26
C LEU A 827 15.35 -22.37 1.94
N PHE A 828 14.32 -22.46 1.11
CA PHE A 828 14.29 -21.75 -0.16
C PHE A 828 14.38 -20.22 0.07
N LEU A 829 13.57 -19.70 0.99
CA LEU A 829 13.57 -18.27 1.26
C LEU A 829 14.93 -17.82 1.79
N VAL A 830 15.54 -18.62 2.68
CA VAL A 830 16.90 -18.32 3.17
C VAL A 830 17.91 -18.17 2.01
N GLU A 831 17.89 -19.10 1.07
N GLU A 831 17.87 -19.08 1.05
CA GLU A 831 18.74 -19.02 -0.12
CA GLU A 831 18.75 -19.01 -0.12
C GLU A 831 18.54 -17.69 -0.84
C GLU A 831 18.55 -17.73 -0.95
N MET A 832 17.28 -17.35 -1.13
CA MET A 832 16.95 -16.14 -1.88
C MET A 832 17.39 -14.88 -1.13
N LEU A 833 17.14 -14.85 0.18
CA LEU A 833 17.49 -13.71 1.02
C LEU A 833 18.99 -13.53 1.18
N THR A 834 19.74 -14.62 1.10
CA THR A 834 21.19 -14.56 1.16
C THR A 834 21.73 -13.74 -0.03
N ASP A 835 21.15 -13.96 -1.22
CA ASP A 835 21.44 -13.15 -2.41
C ASP A 835 20.95 -11.70 -2.20
N LEU A 836 19.66 -11.56 -1.89
CA LEU A 836 19.04 -10.24 -1.88
C LEU A 836 19.56 -9.31 -0.79
N ASN A 837 20.01 -9.86 0.34
CA ASN A 837 20.65 -9.07 1.38
C ASN A 837 21.79 -8.20 0.85
N SER A 838 22.59 -8.76 -0.06
CA SER A 838 23.70 -8.04 -0.68
C SER A 838 23.25 -7.16 -1.86
N ARG A 839 22.34 -7.69 -2.68
CA ARG A 839 21.92 -7.06 -3.93
C ARG A 839 20.96 -5.89 -3.71
N ASN A 840 19.92 -6.11 -2.92
CA ASN A 840 18.82 -5.17 -2.80
C ASN A 840 18.13 -5.40 -1.45
N PRO A 841 18.69 -4.80 -0.37
CA PRO A 841 18.17 -5.00 0.98
C PRO A 841 16.70 -4.62 1.14
N GLN A 842 16.22 -3.61 0.41
N GLN A 842 16.25 -3.61 0.41
CA GLN A 842 14.83 -3.20 0.52
CA GLN A 842 14.86 -3.18 0.47
C GLN A 842 13.87 -4.31 0.06
C GLN A 842 13.92 -4.31 0.07
N VAL A 843 14.20 -4.93 -1.07
CA VAL A 843 13.41 -6.07 -1.55
C VAL A 843 13.57 -7.29 -0.60
N ALA A 844 14.78 -7.51 -0.09
CA ALA A 844 15.06 -8.56 0.91
C ALA A 844 14.13 -8.40 2.11
N SER A 845 14.03 -7.17 2.61
CA SER A 845 13.24 -6.88 3.77
C SER A 845 11.74 -7.09 3.52
N ARG A 846 11.26 -6.75 2.33
CA ARG A 846 9.88 -7.08 1.95
C ARG A 846 9.65 -8.60 2.03
N LEU A 847 10.60 -9.36 1.49
CA LEU A 847 10.47 -10.82 1.37
C LEU A 847 10.65 -11.62 2.66
N ILE A 848 11.29 -11.04 3.67
CA ILE A 848 11.51 -11.75 4.92
C ILE A 848 10.27 -11.78 5.80
N GLU A 849 9.31 -10.89 5.50
CA GLU A 849 8.13 -10.75 6.35
C GLU A 849 7.43 -12.08 6.75
N PRO A 850 7.18 -13.01 5.81
CA PRO A 850 6.55 -14.28 6.22
C PRO A 850 7.30 -15.09 7.30
N LEU A 851 8.62 -14.87 7.40
N LEU A 851 8.64 -15.03 7.31
CA LEU A 851 9.45 -15.52 8.39
CA LEU A 851 9.42 -15.81 8.28
C LEU A 851 9.36 -14.89 9.78
C LEU A 851 9.30 -15.21 9.68
N ILE A 852 9.13 -13.58 9.87
N ILE A 852 9.07 -13.90 9.70
CA ILE A 852 9.02 -12.95 11.18
CA ILE A 852 9.02 -13.07 10.93
C ILE A 852 7.68 -13.23 11.87
C ILE A 852 7.80 -13.39 11.81
N ARG A 853 6.77 -13.95 11.19
CA ARG A 853 5.47 -14.32 11.79
C ARG A 853 5.48 -15.65 12.57
N LEU A 854 6.67 -16.16 12.86
CA LEU A 854 6.84 -17.51 13.42
C LEU A 854 6.02 -17.81 14.68
N LYS A 855 5.82 -16.82 15.55
CA LYS A 855 5.08 -17.06 16.81
C LYS A 855 3.59 -17.35 16.61
N ARG A 856 3.10 -17.16 15.39
CA ARG A 856 1.73 -17.50 15.02
C ARG A 856 1.57 -18.98 14.66
N TYR A 857 2.68 -19.72 14.61
CA TYR A 857 2.67 -21.08 14.08
C TYR A 857 2.98 -22.11 15.17
N ASP A 858 2.72 -23.39 14.87
CA ASP A 858 2.94 -24.48 15.84
C ASP A 858 4.42 -24.61 16.18
N ALA A 859 4.70 -25.28 17.30
CA ALA A 859 6.05 -25.39 17.84
C ALA A 859 7.09 -25.94 16.85
N LYS A 860 6.73 -26.98 16.11
CA LYS A 860 7.62 -27.60 15.13
C LYS A 860 8.02 -26.60 14.04
N ARG A 861 7.03 -25.90 13.49
CA ARG A 861 7.27 -24.87 12.48
C ARG A 861 8.11 -23.73 13.05
N GLN A 862 7.74 -23.27 14.25
N GLN A 862 7.77 -23.31 14.27
CA GLN A 862 8.48 -22.21 14.94
CA GLN A 862 8.45 -22.20 14.93
C GLN A 862 9.96 -22.50 14.98
C GLN A 862 9.95 -22.45 15.16
N GLU A 863 10.32 -23.70 15.40
CA GLU A 863 11.73 -24.06 15.53
C GLU A 863 12.49 -24.00 14.20
N LYS A 864 11.84 -24.47 13.13
N LYS A 864 11.87 -24.46 13.12
CA LYS A 864 12.40 -24.42 11.77
CA LYS A 864 12.50 -24.38 11.80
C LYS A 864 12.59 -22.96 11.29
C LYS A 864 12.62 -22.93 11.31
N MET A 865 11.59 -22.13 11.57
CA MET A 865 11.60 -20.71 11.19
C MET A 865 12.67 -19.96 11.98
N ARG A 866 12.78 -20.29 13.28
CA ARG A 866 13.82 -19.72 14.14
C ARG A 866 15.21 -20.07 13.62
N ALA A 867 15.41 -21.34 13.25
CA ALA A 867 16.68 -21.78 12.66
C ALA A 867 17.03 -20.99 11.39
N ALA A 868 16.03 -20.78 10.53
CA ALA A 868 16.19 -19.98 9.31
C ALA A 868 16.62 -18.54 9.63
N LEU A 869 15.94 -17.92 10.59
CA LEU A 869 16.27 -16.56 11.03
C LEU A 869 17.68 -16.47 11.61
N GLU A 870 18.07 -17.48 12.41
N GLU A 870 18.07 -17.49 12.40
CA GLU A 870 19.42 -17.49 12.98
CA GLU A 870 19.40 -17.54 12.99
C GLU A 870 20.50 -17.62 11.90
C GLU A 870 20.50 -17.65 11.93
N GLN A 871 20.22 -18.39 10.85
CA GLN A 871 21.14 -18.47 9.71
C GLN A 871 21.33 -17.09 9.07
N LEU A 872 20.23 -16.38 8.83
CA LEU A 872 20.27 -15.03 8.25
C LEU A 872 20.97 -14.04 9.17
N LYS A 873 20.75 -14.16 10.48
CA LYS A 873 21.40 -13.30 11.47
C LYS A 873 22.94 -13.38 11.36
N GLY A 874 23.45 -14.54 10.97
CA GLY A 874 24.90 -14.76 10.86
C GLY A 874 25.53 -14.39 9.53
N LEU A 875 24.74 -13.84 8.61
CA LEU A 875 25.26 -13.45 7.30
C LEU A 875 26.36 -12.41 7.42
N GLU A 876 27.41 -12.58 6.64
N GLU A 876 27.42 -12.58 6.65
CA GLU A 876 28.42 -11.54 6.47
CA GLU A 876 28.41 -11.53 6.49
C GLU A 876 27.74 -10.33 5.82
C GLU A 876 27.75 -10.33 5.82
N ASN A 877 28.07 -9.14 6.30
CA ASN A 877 27.48 -7.89 5.79
C ASN A 877 25.95 -7.90 5.81
N LEU A 878 25.38 -8.34 6.93
CA LEU A 878 23.93 -8.29 7.13
C LEU A 878 23.45 -6.85 7.03
N SER A 879 22.47 -6.61 6.17
CA SER A 879 21.92 -5.25 6.02
C SER A 879 21.18 -4.80 7.28
N GLY A 880 21.21 -3.48 7.55
CA GLY A 880 20.38 -2.91 8.61
C GLY A 880 18.90 -3.26 8.44
N ASP A 881 18.45 -3.31 7.19
CA ASP A 881 17.05 -3.61 6.85
C ASP A 881 16.65 -4.95 7.44
N LEU A 882 17.44 -5.99 7.17
CA LEU A 882 17.18 -7.33 7.69
C LEU A 882 17.46 -7.45 9.18
N TYR A 883 18.53 -6.82 9.65
CA TYR A 883 18.90 -6.85 11.06
C TYR A 883 17.73 -6.43 11.96
N GLU A 884 17.06 -5.33 11.60
CA GLU A 884 15.95 -4.82 12.40
C GLU A 884 14.83 -5.86 12.55
N LYS A 885 14.42 -6.46 11.43
CA LYS A 885 13.35 -7.46 11.45
C LYS A 885 13.74 -8.76 12.15
N ILE A 886 14.95 -9.25 11.88
CA ILE A 886 15.43 -10.51 12.47
C ILE A 886 15.52 -10.41 13.98
N THR A 887 16.10 -9.32 14.49
CA THR A 887 16.29 -9.16 15.93
C THR A 887 14.94 -9.10 16.65
N LYS A 888 13.98 -8.37 16.07
CA LYS A 888 12.63 -8.32 16.62
C LYS A 888 11.98 -9.71 16.61
N ALA A 889 12.13 -10.45 15.52
CA ALA A 889 11.54 -11.79 15.39
C ALA A 889 12.11 -12.82 16.38
N LEU A 890 13.41 -12.70 16.67
CA LEU A 890 14.12 -13.68 17.50
C LEU A 890 14.03 -13.35 18.99
N ALA A 891 13.54 -12.16 19.31
CA ALA A 891 13.42 -11.71 20.70
C ALA A 891 12.42 -12.56 21.51
ZN ZN B . 2.18 8.01 -0.65
NA NA C . -18.92 6.11 -6.62
NA NA D . -28.37 -10.14 23.97
N PHE E . 6.56 7.99 -1.45
N PHE E . 6.17 8.17 -1.25
CA PHE E . 5.85 6.94 -2.22
CA PHE E . 5.84 6.89 -1.93
C PHE E . 4.35 7.12 -2.02
C PHE E . 4.32 6.73 -1.99
O PHE E . 3.76 6.73 -1.00
O PHE E . 3.74 6.20 -2.93
CB PHE E . 6.29 5.54 -1.78
CB PHE E . 6.45 5.70 -1.19
CG PHE E . 7.76 5.28 -1.96
CG PHE E . 7.92 5.48 -1.46
CD1 PHE E . 8.29 5.01 -3.23
CD1 PHE E . 8.39 5.18 -2.74
CD2 PHE E . 8.61 5.29 -0.87
CD2 PHE E . 8.84 5.52 -0.41
CE1 PHE E . 9.65 4.75 -3.40
CE1 PHE E . 9.74 4.95 -2.98
CE2 PHE E . 9.99 5.04 -1.02
CE2 PHE E . 10.19 5.29 -0.64
CZ PHE E . 10.50 4.77 -2.29
CZ PHE E . 10.64 5.01 -1.92
OXT PHE E . 3.69 7.69 -2.89
OXT PHE E . 3.61 7.13 -1.06
C1 MLI F . 4.81 -1.26 -3.57
C2 MLI F . 3.84 -1.54 -4.70
C3 MLI F . 4.32 -1.90 -2.28
O6 MLI F . 4.21 -2.30 -5.62
O7 MLI F . 2.71 -0.99 -4.68
O8 MLI F . 3.45 -2.79 -2.33
O9 MLI F . 4.83 -1.51 -1.20
C1 MLI G . -22.49 -6.43 10.92
C2 MLI G . -21.17 -7.06 11.29
C3 MLI G . -22.27 -5.10 10.22
O6 MLI G . -20.96 -8.25 10.95
O7 MLI G . -20.34 -6.38 11.93
O8 MLI G . -21.34 -4.99 9.42
O9 MLI G . -23.04 -4.16 10.48
C1 GOL H . -22.29 -8.00 10.28
O1 GOL H . -20.95 -8.33 10.04
C2 GOL H . -22.50 -6.53 9.93
O2 GOL H . -23.28 -6.41 8.77
C3 GOL H . -23.22 -5.85 11.08
O3 GOL H . -22.33 -5.74 12.16
C1 GOL I . 2.18 -1.08 1.91
O1 GOL I . 0.86 -0.82 2.35
C2 GOL I . 2.80 0.20 1.36
O2 GOL I . 4.20 0.09 1.43
C3 GOL I . 2.39 0.39 -0.09
O3 GOL I . 3.37 1.13 -0.78
C1 GOL J . 0.06 3.47 -2.77
O1 GOL J . -0.18 3.84 -1.43
C2 GOL J . 1.56 3.41 -3.01
O2 GOL J . 1.99 2.07 -2.94
C3 GOL J . 1.79 3.90 -4.43
O3 GOL J . 3.07 4.49 -4.46
C1 GOL K . 39.40 21.01 0.27
O1 GOL K . 38.93 20.27 -0.85
C2 GOL K . 40.71 20.44 0.80
O2 GOL K . 40.49 19.43 1.76
C3 GOL K . 41.57 21.56 1.40
O3 GOL K . 42.71 21.01 2.03
C1 GOL L . 38.86 16.31 -0.53
O1 GOL L . 39.75 17.38 -0.72
C2 GOL L . 39.66 15.02 -0.37
O2 GOL L . 40.34 15.06 0.86
C3 GOL L . 38.69 13.85 -0.28
O3 GOL L . 39.39 12.71 0.16
C1 GOL M . 4.80 -0.90 -2.16
O1 GOL M . 4.22 -2.03 -1.53
C2 GOL M . 4.05 -0.56 -3.45
O2 GOL M . 2.66 -0.53 -3.18
C3 GOL M . 4.38 -1.58 -4.55
O3 GOL M . 3.20 -2.08 -5.14
C1 GOL N . -13.65 4.89 -16.20
O1 GOL N . -14.72 4.47 -17.04
C2 GOL N . -14.11 6.00 -15.27
O2 GOL N . -14.43 7.15 -16.00
C3 GOL N . -12.98 6.32 -14.30
O3 GOL N . -13.03 5.45 -13.18
C1 GOL O . -0.92 4.93 24.48
O1 GOL O . 0.10 5.86 24.16
C2 GOL O . -0.35 3.70 25.18
O2 GOL O . -0.03 4.03 26.51
C3 GOL O . 0.88 3.19 24.42
O3 GOL O . 1.79 2.55 25.28
#